data_3ZVM
#
_entry.id   3ZVM
#
_cell.length_a   44.817
_cell.length_b   75.243
_cell.length_c   135.199
_cell.angle_alpha   90.00
_cell.angle_beta   96.30
_cell.angle_gamma   90.00
#
_symmetry.space_group_name_H-M   'P 1 21 1'
#
loop_
_entity.id
_entity.type
_entity.pdbx_description
1 polymer 'BIFUNCTIONAL POLYNUCLEOTIDE PHOSPHATASE/KINASE'
2 polymer "5'-D(*GP*TP*CP*AP*CP)-3'"
3 non-polymer "ADENOSINE-5'-DIPHOSPHATE"
4 non-polymer '4-(2-HYDROXYETHYL)-1-PIPERAZINE ETHANESULFONIC ACID'
5 non-polymer 'MAGNESIUM ION'
6 non-polymer GLYCEROL
7 non-polymer 'ACETATE ION'
8 water water
#
loop_
_entity_poly.entity_id
_entity_poly.type
_entity_poly.pdbx_seq_one_letter_code
_entity_poly.pdbx_strand_id
1 'polypeptide(L)'
;GPHMTSGSQPDAPPDTPGDPEEGEDTEPQKKRVRKSSLGWESLKKLLVFTASGVKPQGKVAAFDLDGTLITTRSGKVFPT
SPSDWRILYPEIPKKLQELAAEGYKLVIFTNQMGIGRGKLPAEVFKGKVEAVLEKLGVPFQVLVATHAGLNRKPVSGMWD
HLQEQANEGIPISVEDSVFVGDAAGRLANWAPGRKKKDFSCADRLFALNVGLPFATPEEFFLKWPAARFELPAFDPRTIS
SAGPLYLPESSSLLSPNPEVVVAVGFPGAGKSTFIQEHLVSAGYVHVNRDTLGSWQRCVSSCQAALRQGKRVVIDNTNPD
VPSRARYIQCAKDAGVPCRCFNFCATIEQARHNNRFREMTDPSHAPVSDMVMFSYRKQFEPPTLAEGFLEILEIPFRLQE
HLDPALQRLYRQFSEG
;
A,B
2 'polydeoxyribonucleotide' (DG)(DT)(DC)(DA)(DC) E,F
#
loop_
_chem_comp.id
_chem_comp.type
_chem_comp.name
_chem_comp.formula
ACT non-polymer 'ACETATE ION' 'C2 H3 O2 -1'
ADP non-polymer ADENOSINE-5'-DIPHOSPHATE 'C10 H15 N5 O10 P2'
DA DNA linking 2'-DEOXYADENOSINE-5'-MONOPHOSPHATE 'C10 H14 N5 O6 P'
DC DNA linking 2'-DEOXYCYTIDINE-5'-MONOPHOSPHATE 'C9 H14 N3 O7 P'
DG DNA linking 2'-DEOXYGUANOSINE-5'-MONOPHOSPHATE 'C10 H14 N5 O7 P'
DT DNA linking THYMIDINE-5'-MONOPHOSPHATE 'C10 H15 N2 O8 P'
EPE non-polymer '4-(2-HYDROXYETHYL)-1-PIPERAZINE ETHANESULFONIC ACID' 'C8 H18 N2 O4 S'
GOL non-polymer GLYCEROL 'C3 H8 O3'
MG non-polymer 'MAGNESIUM ION' 'Mg 2'
#
# COMPACT_ATOMS: atom_id res chain seq x y z
N SER A 37 0.02 10.14 -16.48
CA SER A 37 -1.26 9.90 -17.17
C SER A 37 -1.16 8.78 -18.18
N LEU A 38 -1.01 9.18 -19.43
CA LEU A 38 -1.14 8.32 -20.62
C LEU A 38 -1.23 6.80 -20.48
N GLY A 39 -2.30 6.24 -21.03
CA GLY A 39 -2.46 4.80 -21.19
C GLY A 39 -3.06 4.11 -19.98
N TRP A 40 -2.85 2.80 -19.91
CA TRP A 40 -3.41 1.96 -18.86
C TRP A 40 -2.48 1.82 -17.66
N GLU A 41 -3.10 1.63 -16.49
CA GLU A 41 -2.39 1.31 -15.26
CA GLU A 41 -2.39 1.31 -15.27
C GLU A 41 -3.15 0.18 -14.59
N SER A 42 -2.47 -0.92 -14.32
CA SER A 42 -3.06 -2.04 -13.62
C SER A 42 -2.71 -1.90 -12.15
N LEU A 43 -3.72 -1.74 -11.31
CA LEU A 43 -3.49 -1.60 -9.88
C LEU A 43 -4.20 -2.70 -9.13
N LYS A 44 -4.04 -2.70 -7.81
CA LYS A 44 -4.77 -3.65 -6.99
C LYS A 44 -6.28 -3.35 -7.12
N LYS A 45 -7.00 -4.27 -7.72
CA LYS A 45 -8.46 -4.16 -7.84
C LYS A 45 -8.90 -2.88 -8.53
N LEU A 46 -8.07 -2.40 -9.45
CA LEU A 46 -8.40 -1.19 -10.19
C LEU A 46 -7.63 -1.10 -11.51
N LEU A 47 -8.32 -0.74 -12.58
CA LEU A 47 -7.67 -0.37 -13.83
C LEU A 47 -7.96 1.09 -14.08
N VAL A 48 -6.94 1.82 -14.52
CA VAL A 48 -7.12 3.21 -14.90
C VAL A 48 -6.63 3.42 -16.33
N PHE A 49 -7.46 4.04 -17.16
CA PHE A 49 -7.03 4.48 -18.49
C PHE A 49 -7.09 5.99 -18.61
N THR A 50 -6.00 6.60 -19.08
CA THR A 50 -6.00 8.03 -19.27
C THR A 50 -5.68 8.37 -20.73
N ALA A 51 -6.69 8.81 -21.47
CA ALA A 51 -6.49 9.09 -22.88
C ALA A 51 -5.57 10.28 -23.12
N SER A 52 -4.93 10.29 -24.28
CA SER A 52 -4.22 11.47 -24.72
C SER A 52 -5.18 12.66 -24.73
N GLY A 53 -4.75 13.81 -24.22
CA GLY A 53 -5.57 15.00 -24.24
C GLY A 53 -6.39 15.21 -22.98
N VAL A 54 -6.37 14.24 -22.08
CA VAL A 54 -7.01 14.41 -20.79
C VAL A 54 -6.27 15.47 -19.98
N LYS A 55 -7.02 16.33 -19.32
CA LYS A 55 -6.45 17.37 -18.45
C LYS A 55 -7.11 17.30 -17.09
N PRO A 56 -6.31 17.40 -16.02
CA PRO A 56 -6.91 17.49 -14.68
C PRO A 56 -7.72 18.76 -14.57
N GLN A 57 -8.85 18.70 -13.86
CA GLN A 57 -9.68 19.87 -13.67
C GLN A 57 -10.27 19.92 -12.25
N GLY A 58 -10.77 21.08 -11.85
CA GLY A 58 -11.40 21.24 -10.55
C GLY A 58 -12.87 20.84 -10.53
N LYS A 59 -13.39 20.39 -11.67
CA LYS A 59 -14.76 19.87 -11.72
C LYS A 59 -14.86 18.72 -12.73
N VAL A 60 -15.72 17.76 -12.45
CA VAL A 60 -15.74 16.51 -13.21
C VAL A 60 -17.13 16.22 -13.73
N ALA A 61 -17.23 15.80 -14.99
CA ALA A 61 -18.46 15.17 -15.45
C ALA A 61 -18.17 13.67 -15.60
N ALA A 62 -18.78 12.85 -14.76
CA ALA A 62 -18.43 11.45 -14.68
C ALA A 62 -19.62 10.59 -15.09
N PHE A 63 -19.35 9.44 -15.68
CA PHE A 63 -20.36 8.61 -16.30
C PHE A 63 -20.18 7.14 -16.01
N ASP A 64 -21.29 6.44 -15.76
CA ASP A 64 -21.30 4.99 -15.92
C ASP A 64 -21.07 4.66 -17.39
N LEU A 65 -20.74 3.40 -17.69
CA LEU A 65 -20.54 2.98 -19.09
C LEU A 65 -21.74 2.19 -19.61
N ASP A 66 -21.88 0.95 -19.14
CA ASP A 66 -22.90 0.05 -19.69
C ASP A 66 -24.30 0.54 -19.37
N GLY A 67 -25.10 0.83 -20.39
CA GLY A 67 -26.45 1.33 -20.16
C GLY A 67 -26.49 2.83 -19.90
N THR A 68 -25.34 3.48 -20.00
CA THR A 68 -25.25 4.91 -19.79
C THR A 68 -24.64 5.63 -21.01
N LEU A 69 -23.46 5.19 -21.44
CA LEU A 69 -22.86 5.76 -22.64
C LEU A 69 -23.06 4.81 -23.83
N ILE A 70 -23.12 3.52 -23.55
CA ILE A 70 -23.29 2.49 -24.58
C ILE A 70 -24.38 1.50 -24.17
N THR A 71 -24.80 0.71 -25.14
CA THR A 71 -25.63 -0.44 -24.91
C THR A 71 -25.26 -1.46 -26.00
N THR A 72 -25.82 -2.66 -25.93
CA THR A 72 -25.53 -3.68 -26.93
C THR A 72 -26.10 -3.28 -28.29
N ARG A 73 -25.41 -3.64 -29.36
CA ARG A 73 -25.95 -3.43 -30.70
C ARG A 73 -26.85 -4.59 -31.10
N SER A 74 -26.68 -5.71 -30.41
CA SER A 74 -27.50 -6.89 -30.63
C SER A 74 -28.89 -6.65 -30.06
N GLY A 75 -28.95 -5.80 -29.04
CA GLY A 75 -30.21 -5.54 -28.37
C GLY A 75 -30.49 -6.56 -27.28
N LYS A 76 -29.54 -7.45 -27.05
CA LYS A 76 -29.63 -8.34 -25.90
C LYS A 76 -29.26 -7.58 -24.62
N VAL A 77 -29.60 -8.16 -23.46
CA VAL A 77 -29.30 -7.49 -22.19
C VAL A 77 -27.80 -7.48 -21.93
N PHE A 78 -27.14 -8.60 -22.20
CA PHE A 78 -25.69 -8.68 -22.07
C PHE A 78 -25.02 -8.77 -23.43
N PRO A 79 -23.81 -8.22 -23.55
CA PRO A 79 -23.03 -8.17 -24.79
C PRO A 79 -22.63 -9.58 -25.24
N THR A 80 -22.94 -9.92 -26.49
CA THR A 80 -22.69 -11.27 -26.98
C THR A 80 -21.23 -11.43 -27.36
N SER A 81 -20.55 -10.30 -27.48
CA SER A 81 -19.14 -10.30 -27.82
C SER A 81 -18.58 -8.93 -27.43
N PRO A 82 -17.25 -8.78 -27.46
CA PRO A 82 -16.59 -7.51 -27.17
C PRO A 82 -17.01 -6.43 -28.16
N SER A 83 -17.44 -6.85 -29.34
CA SER A 83 -17.87 -5.93 -30.40
C SER A 83 -19.34 -5.55 -30.31
N ASP A 84 -20.06 -6.14 -29.36
CA ASP A 84 -21.51 -5.94 -29.28
C ASP A 84 -21.88 -4.67 -28.51
N TRP A 85 -21.65 -3.51 -29.11
CA TRP A 85 -22.03 -2.25 -28.49
C TRP A 85 -22.35 -1.16 -29.50
N ARG A 86 -23.04 -0.11 -29.04
CA ARG A 86 -23.30 1.09 -29.83
C ARG A 86 -23.49 2.23 -28.84
N ILE A 87 -23.20 3.46 -29.27
CA ILE A 87 -23.42 4.62 -28.43
C ILE A 87 -24.90 4.65 -28.09
N LEU A 88 -25.23 4.87 -26.82
CA LEU A 88 -26.62 4.72 -26.38
C LEU A 88 -27.60 5.73 -27.03
N TYR A 89 -27.24 7.02 -27.01
CA TYR A 89 -28.07 8.06 -27.61
C TYR A 89 -27.22 8.89 -28.54
N PRO A 90 -27.79 9.33 -29.67
CA PRO A 90 -27.05 10.12 -30.67
C PRO A 90 -26.59 11.47 -30.11
N GLU A 91 -27.30 11.95 -29.11
CA GLU A 91 -26.99 13.23 -28.49
C GLU A 91 -25.70 13.19 -27.65
N ILE A 92 -25.20 12.01 -27.35
CA ILE A 92 -24.13 11.87 -26.37
C ILE A 92 -22.82 12.57 -26.79
N PRO A 93 -22.34 12.32 -28.02
CA PRO A 93 -21.02 12.88 -28.33
C PRO A 93 -20.99 14.41 -28.31
N LYS A 94 -22.06 15.05 -28.74
CA LYS A 94 -22.08 16.51 -28.73
C LYS A 94 -22.12 17.06 -27.31
N LYS A 95 -22.92 16.42 -26.45
CA LYS A 95 -22.98 16.85 -25.05
C LYS A 95 -21.61 16.73 -24.38
N LEU A 96 -20.89 15.65 -24.68
CA LEU A 96 -19.56 15.43 -24.10
C LEU A 96 -18.58 16.51 -24.56
N GLN A 97 -18.65 16.90 -25.82
CA GLN A 97 -17.77 17.93 -26.35
C GLN A 97 -18.04 19.25 -25.64
N GLU A 98 -19.32 19.54 -25.43
CA GLU A 98 -19.72 20.74 -24.74
C GLU A 98 -19.22 20.74 -23.30
N LEU A 99 -19.39 19.62 -22.60
CA LEU A 99 -18.89 19.51 -21.24
C LEU A 99 -17.39 19.75 -21.20
N ALA A 100 -16.64 19.11 -22.10
CA ALA A 100 -15.20 19.33 -22.14
C ALA A 100 -14.86 20.79 -22.43
N ALA A 101 -15.62 21.42 -23.32
CA ALA A 101 -15.38 22.82 -23.64
C ALA A 101 -15.66 23.72 -22.44
N GLU A 102 -16.55 23.27 -21.56
CA GLU A 102 -16.86 24.03 -20.33
C GLU A 102 -15.87 23.75 -19.20
N GLY A 103 -14.85 22.94 -19.47
CA GLY A 103 -13.83 22.65 -18.47
C GLY A 103 -14.12 21.50 -17.50
N TYR A 104 -15.12 20.67 -17.81
CA TYR A 104 -15.32 19.44 -17.06
C TYR A 104 -14.36 18.37 -17.53
N LYS A 105 -13.61 17.79 -16.60
CA LYS A 105 -12.83 16.59 -16.90
C LYS A 105 -13.83 15.44 -17.11
N LEU A 106 -13.73 14.72 -18.22
CA LEU A 106 -14.66 13.63 -18.48
C LEU A 106 -14.10 12.33 -17.92
N VAL A 107 -14.89 11.68 -17.08
CA VAL A 107 -14.44 10.47 -16.41
C VAL A 107 -15.51 9.39 -16.53
N ILE A 108 -15.07 8.14 -16.63
CA ILE A 108 -15.97 7.00 -16.52
C ILE A 108 -15.66 6.20 -15.24
N PHE A 109 -16.71 5.83 -14.50
CA PHE A 109 -16.56 4.90 -13.38
C PHE A 109 -17.40 3.67 -13.68
N THR A 110 -16.77 2.50 -13.86
CA THR A 110 -17.51 1.31 -14.29
C THR A 110 -17.13 0.09 -13.45
N ASN A 111 -18.15 -0.64 -12.99
CA ASN A 111 -17.94 -1.91 -12.31
C ASN A 111 -17.78 -3.03 -13.34
N GLN A 112 -16.70 -3.80 -13.25
CA GLN A 112 -16.50 -4.96 -14.12
C GLN A 112 -15.89 -6.10 -13.30
N MET A 113 -16.68 -6.62 -12.36
CA MET A 113 -16.24 -7.71 -11.49
C MET A 113 -16.01 -9.00 -12.28
N GLY A 114 -16.50 -9.04 -13.52
CA GLY A 114 -16.22 -10.15 -14.40
C GLY A 114 -14.72 -10.29 -14.63
N ILE A 115 -13.99 -9.19 -14.47
CA ILE A 115 -12.54 -9.22 -14.63
C ILE A 115 -11.90 -9.96 -13.45
N GLY A 116 -12.23 -9.54 -12.24
CA GLY A 116 -11.70 -10.16 -11.04
C GLY A 116 -12.17 -11.60 -10.85
N ARG A 117 -13.34 -11.91 -11.40
CA ARG A 117 -13.92 -13.27 -11.32
C ARG A 117 -13.47 -14.22 -12.45
N GLY A 118 -12.61 -13.74 -13.35
CA GLY A 118 -12.13 -14.54 -14.46
C GLY A 118 -13.10 -14.78 -15.60
N LYS A 119 -14.23 -14.07 -15.60
CA LYS A 119 -15.19 -14.19 -16.70
C LYS A 119 -14.83 -13.30 -17.88
N LEU A 120 -14.08 -12.24 -17.61
CA LEU A 120 -13.77 -11.24 -18.64
C LEU A 120 -12.30 -10.89 -18.59
N PRO A 121 -11.55 -11.32 -19.63
CA PRO A 121 -10.12 -10.99 -19.65
C PRO A 121 -9.88 -9.48 -19.70
N ALA A 122 -8.98 -9.00 -18.86
CA ALA A 122 -8.71 -7.56 -18.79
C ALA A 122 -8.38 -6.99 -20.17
N GLU A 123 -7.58 -7.74 -20.93
CA GLU A 123 -7.08 -7.25 -22.21
C GLU A 123 -8.25 -7.02 -23.15
N VAL A 124 -9.23 -7.91 -23.06
CA VAL A 124 -10.44 -7.78 -23.88
C VAL A 124 -11.23 -6.53 -23.51
N PHE A 125 -11.46 -6.31 -22.22
CA PHE A 125 -12.20 -5.13 -21.80
C PHE A 125 -11.47 -3.85 -22.19
N LYS A 126 -10.16 -3.80 -21.98
CA LYS A 126 -9.37 -2.62 -22.36
C LYS A 126 -9.52 -2.27 -23.83
N GLY A 127 -9.50 -3.30 -24.68
CA GLY A 127 -9.68 -3.11 -26.12
C GLY A 127 -11.05 -2.51 -26.41
N LYS A 128 -12.07 -3.01 -25.72
CA LYS A 128 -13.43 -2.49 -25.92
C LYS A 128 -13.53 -1.04 -25.47
N VAL A 129 -13.02 -0.75 -24.27
CA VAL A 129 -12.97 0.63 -23.80
C VAL A 129 -12.33 1.56 -24.82
N GLU A 130 -11.17 1.18 -25.35
CA GLU A 130 -10.48 2.07 -26.29
C GLU A 130 -11.28 2.28 -27.57
N ALA A 131 -11.96 1.23 -28.00
CA ALA A 131 -12.81 1.30 -29.19
C ALA A 131 -13.98 2.24 -28.93
N VAL A 132 -14.57 2.14 -27.74
CA VAL A 132 -15.67 3.02 -27.35
C VAL A 132 -15.24 4.50 -27.31
N LEU A 133 -14.08 4.75 -26.70
CA LEU A 133 -13.60 6.12 -26.54
C LEU A 133 -13.32 6.76 -27.90
N GLU A 134 -12.84 5.96 -28.84
CA GLU A 134 -12.57 6.45 -30.18
C GLU A 134 -13.87 6.91 -30.86
N LYS A 135 -14.95 6.18 -30.62
CA LYS A 135 -16.26 6.56 -31.15
C LYS A 135 -16.85 7.78 -30.44
N LEU A 136 -16.65 7.89 -29.13
CA LEU A 136 -17.14 9.05 -28.39
C LEU A 136 -16.42 10.32 -28.81
N GLY A 137 -15.18 10.19 -29.28
CA GLY A 137 -14.47 11.28 -29.94
C GLY A 137 -13.98 12.40 -29.06
N VAL A 138 -13.82 12.11 -27.77
CA VAL A 138 -13.35 13.09 -26.81
CA VAL A 138 -13.31 13.09 -26.82
C VAL A 138 -12.47 12.36 -25.77
N PRO A 139 -11.46 13.05 -25.20
CA PRO A 139 -10.56 12.43 -24.22
C PRO A 139 -11.23 12.11 -22.88
N PHE A 140 -11.11 10.85 -22.46
CA PHE A 140 -11.68 10.37 -21.21
C PHE A 140 -10.63 9.77 -20.29
N GLN A 141 -10.91 9.83 -19.00
CA GLN A 141 -10.17 9.02 -18.05
C GLN A 141 -11.14 7.97 -17.52
N VAL A 142 -10.73 6.71 -17.53
CA VAL A 142 -11.62 5.61 -17.20
C VAL A 142 -11.10 4.86 -15.98
N LEU A 143 -11.97 4.62 -15.00
CA LEU A 143 -11.59 3.80 -13.85
C LEU A 143 -12.51 2.60 -13.79
N VAL A 144 -11.93 1.43 -13.59
CA VAL A 144 -12.64 0.17 -13.68
C VAL A 144 -12.46 -0.59 -12.38
N ALA A 145 -13.57 -0.86 -11.71
CA ALA A 145 -13.55 -1.66 -10.50
C ALA A 145 -13.66 -3.14 -10.90
N THR A 146 -12.53 -3.85 -10.76
CA THR A 146 -12.40 -5.23 -11.19
C THR A 146 -12.90 -6.26 -10.16
N HIS A 147 -13.06 -5.82 -8.91
CA HIS A 147 -13.36 -6.69 -7.79
C HIS A 147 -14.49 -6.13 -6.91
N ALA A 148 -15.00 -6.96 -6.00
CA ALA A 148 -15.85 -6.49 -4.90
C ALA A 148 -15.01 -5.59 -3.99
N GLY A 149 -15.64 -4.77 -3.15
CA GLY A 149 -14.89 -4.01 -2.16
C GLY A 149 -14.91 -2.51 -2.37
N LEU A 150 -13.85 -1.85 -1.89
CA LEU A 150 -13.79 -0.38 -1.79
C LEU A 150 -14.04 0.36 -3.10
N ASN A 151 -13.70 -0.27 -4.23
CA ASN A 151 -13.77 0.40 -5.52
C ASN A 151 -15.07 0.16 -6.27
N ARG A 152 -15.85 -0.81 -5.81
CA ARG A 152 -17.08 -1.20 -6.51
C ARG A 152 -18.23 -0.28 -6.12
N LYS A 153 -18.76 0.45 -7.09
CA LYS A 153 -19.96 1.26 -6.85
C LYS A 153 -21.01 0.40 -6.17
N PRO A 154 -21.70 0.95 -5.16
CA PRO A 154 -21.71 2.38 -4.83
C PRO A 154 -20.60 2.89 -3.90
N VAL A 155 -19.73 2.04 -3.39
CA VAL A 155 -18.65 2.53 -2.51
C VAL A 155 -17.79 3.48 -3.34
N SER A 156 -17.23 4.50 -2.70
CA SER A 156 -16.64 5.64 -3.43
C SER A 156 -15.14 5.51 -3.72
N GLY A 157 -14.59 4.31 -3.60
CA GLY A 157 -13.16 4.11 -3.81
C GLY A 157 -12.60 4.70 -5.11
N MET A 158 -13.33 4.56 -6.22
CA MET A 158 -12.83 5.09 -7.49
C MET A 158 -12.79 6.62 -7.50
N TRP A 159 -13.76 7.26 -6.85
CA TRP A 159 -13.73 8.71 -6.75
C TRP A 159 -12.48 9.15 -5.99
N ASP A 160 -12.21 8.46 -4.87
CA ASP A 160 -11.07 8.80 -4.03
C ASP A 160 -9.73 8.56 -4.74
N HIS A 161 -9.66 7.49 -5.54
CA HIS A 161 -8.47 7.26 -6.36
C HIS A 161 -8.30 8.39 -7.39
N LEU A 162 -9.40 8.77 -8.03
CA LEU A 162 -9.38 9.89 -8.95
C LEU A 162 -8.81 11.14 -8.30
N GLN A 163 -9.35 11.50 -7.14
CA GLN A 163 -8.94 12.68 -6.42
C GLN A 163 -7.50 12.59 -5.90
N GLU A 164 -7.17 11.47 -5.25
CA GLU A 164 -5.88 11.35 -4.56
CA GLU A 164 -5.89 11.32 -4.54
C GLU A 164 -4.73 10.95 -5.45
N GLN A 165 -5.02 10.20 -6.51
CA GLN A 165 -3.94 9.66 -7.33
C GLN A 165 -3.95 10.06 -8.81
N ALA A 166 -5.10 10.47 -9.34
CA ALA A 166 -5.22 10.57 -10.80
C ALA A 166 -5.72 11.91 -11.32
N ASN A 167 -5.51 12.97 -10.55
CA ASN A 167 -5.92 14.28 -11.01
C ASN A 167 -4.83 15.33 -10.84
N GLU A 168 -3.59 14.86 -10.88
CA GLU A 168 -2.43 15.73 -10.75
C GLU A 168 -2.54 16.71 -9.56
N GLY A 169 -3.14 16.25 -8.46
CA GLY A 169 -3.15 17.02 -7.23
C GLY A 169 -4.07 18.23 -7.24
N ILE A 170 -4.96 18.30 -8.22
CA ILE A 170 -5.95 19.37 -8.27
C ILE A 170 -7.21 18.96 -7.52
N PRO A 171 -7.61 19.77 -6.53
CA PRO A 171 -8.83 19.49 -5.75
C PRO A 171 -10.06 19.62 -6.63
N ILE A 172 -10.96 18.66 -6.50
CA ILE A 172 -12.17 18.65 -7.28
C ILE A 172 -13.35 19.07 -6.42
N SER A 173 -14.10 20.07 -6.90
CA SER A 173 -15.35 20.47 -6.26
C SER A 173 -16.44 19.47 -6.55
N VAL A 174 -16.84 18.74 -5.52
CA VAL A 174 -17.92 17.78 -5.68
C VAL A 174 -19.22 18.47 -6.08
N GLU A 175 -19.52 19.62 -5.48
CA GLU A 175 -20.75 20.35 -5.75
C GLU A 175 -20.85 20.86 -7.20
N ASP A 176 -19.71 21.14 -7.80
CA ASP A 176 -19.65 21.63 -9.17
C ASP A 176 -19.60 20.49 -10.18
N SER A 177 -19.52 19.26 -9.69
CA SER A 177 -19.35 18.10 -10.54
C SER A 177 -20.68 17.42 -10.75
N VAL A 178 -20.67 16.34 -11.51
CA VAL A 178 -21.90 15.57 -11.73
C VAL A 178 -21.58 14.12 -12.06
N PHE A 179 -22.44 13.20 -11.62
CA PHE A 179 -22.33 11.79 -12.00
C PHE A 179 -23.62 11.33 -12.68
N VAL A 180 -23.46 10.58 -13.77
CA VAL A 180 -24.59 10.16 -14.57
C VAL A 180 -24.55 8.63 -14.72
N GLY A 181 -25.69 7.97 -14.48
CA GLY A 181 -25.74 6.52 -14.59
C GLY A 181 -27.14 5.97 -14.59
N ASP A 182 -27.31 4.76 -15.12
CA ASP A 182 -28.65 4.18 -15.25
C ASP A 182 -29.08 3.30 -14.08
N ALA A 183 -28.13 2.90 -13.21
CA ALA A 183 -28.48 2.15 -12.00
C ALA A 183 -29.00 3.15 -10.97
N ALA A 184 -30.25 3.56 -11.16
CA ALA A 184 -30.76 4.74 -10.46
C ALA A 184 -31.90 4.41 -9.51
N GLY A 185 -32.19 3.12 -9.32
CA GLY A 185 -33.23 2.73 -8.37
C GLY A 185 -34.62 3.17 -8.79
N ARG A 186 -34.82 3.42 -10.08
CA ARG A 186 -36.10 3.90 -10.57
C ARG A 186 -37.18 2.84 -10.45
N LEU A 187 -38.40 3.27 -10.14
CA LEU A 187 -39.54 2.38 -9.93
C LEU A 187 -40.09 1.81 -11.25
N ALA A 188 -40.88 0.74 -11.16
CA ALA A 188 -41.60 0.23 -12.32
C ALA A 188 -42.39 1.38 -12.96
N ASN A 189 -42.51 1.34 -14.29
CA ASN A 189 -43.28 2.35 -15.00
C ASN A 189 -42.80 3.75 -14.70
N TRP A 190 -41.49 3.95 -14.70
CA TRP A 190 -40.93 5.23 -14.28
C TRP A 190 -41.07 6.31 -15.35
N ALA A 191 -41.37 5.87 -16.57
CA ALA A 191 -41.68 6.77 -17.68
C ALA A 191 -42.62 6.04 -18.63
N PRO A 192 -43.41 6.79 -19.42
CA PRO A 192 -44.19 6.11 -20.45
C PRO A 192 -43.22 5.31 -21.31
N GLY A 193 -43.54 4.08 -21.64
CA GLY A 193 -42.67 3.24 -22.46
C GLY A 193 -41.49 2.63 -21.70
N ARG A 194 -41.43 2.83 -20.40
CA ARG A 194 -40.38 2.23 -19.59
C ARG A 194 -41.01 1.49 -18.42
N LYS A 195 -41.32 0.21 -18.61
CA LYS A 195 -42.12 -0.53 -17.63
C LYS A 195 -41.30 -1.06 -16.45
N LYS A 196 -40.10 -1.56 -16.75
CA LYS A 196 -39.28 -2.25 -15.76
C LYS A 196 -38.51 -1.31 -14.84
N LYS A 197 -38.53 -1.59 -13.54
CA LYS A 197 -37.74 -0.80 -12.62
C LYS A 197 -36.25 -1.04 -12.86
N ASP A 198 -35.40 -0.15 -12.37
CA ASP A 198 -33.97 -0.36 -12.49
C ASP A 198 -33.58 -1.63 -11.73
N PHE A 199 -32.62 -2.36 -12.26
CA PHE A 199 -32.09 -3.53 -11.58
C PHE A 199 -31.29 -3.13 -10.34
N SER A 200 -30.67 -1.96 -10.37
CA SER A 200 -29.82 -1.54 -9.27
C SER A 200 -29.94 -0.05 -8.99
N CYS A 201 -29.46 0.37 -7.82
CA CYS A 201 -29.44 1.77 -7.44
C CYS A 201 -27.98 2.21 -7.22
N ALA A 202 -27.03 1.40 -7.66
CA ALA A 202 -25.60 1.64 -7.40
C ALA A 202 -25.06 2.98 -7.89
N ASP A 203 -25.52 3.45 -9.06
CA ASP A 203 -25.03 4.73 -9.58
C ASP A 203 -25.51 5.93 -8.75
N ARG A 204 -26.79 5.94 -8.41
CA ARG A 204 -27.35 7.00 -7.57
C ARG A 204 -26.69 7.02 -6.19
N LEU A 205 -26.44 5.83 -5.65
CA LEU A 205 -25.90 5.72 -4.30
C LEU A 205 -24.41 6.09 -4.29
N PHE A 206 -23.70 5.80 -5.38
CA PHE A 206 -22.32 6.26 -5.53
C PHE A 206 -22.27 7.78 -5.42
N ALA A 207 -23.14 8.44 -6.18
CA ALA A 207 -23.19 9.90 -6.15
C ALA A 207 -23.56 10.39 -4.74
N LEU A 208 -24.55 9.74 -4.13
CA LEU A 208 -24.98 10.09 -2.79
C LEU A 208 -23.81 9.96 -1.80
N ASN A 209 -23.09 8.86 -1.88
CA ASN A 209 -21.90 8.66 -1.04
C ASN A 209 -20.86 9.76 -1.19
N VAL A 210 -20.59 10.18 -2.43
CA VAL A 210 -19.54 11.16 -2.66
C VAL A 210 -20.05 12.56 -2.39
N GLY A 211 -21.35 12.75 -2.60
CA GLY A 211 -21.94 14.08 -2.52
C GLY A 211 -22.18 14.69 -3.89
N LEU A 212 -22.07 13.88 -4.94
CA LEU A 212 -22.20 14.35 -6.32
C LEU A 212 -23.65 14.58 -6.75
N PRO A 213 -23.92 15.71 -7.43
CA PRO A 213 -25.22 15.83 -8.09
C PRO A 213 -25.35 14.66 -9.07
N PHE A 214 -26.55 14.11 -9.22
CA PHE A 214 -26.73 12.88 -9.97
C PHE A 214 -27.84 13.02 -11.00
N ALA A 215 -27.67 12.37 -12.14
CA ALA A 215 -28.72 12.31 -13.16
C ALA A 215 -28.69 10.98 -13.87
N THR A 216 -29.85 10.50 -14.32
CA THR A 216 -29.88 9.34 -15.19
C THR A 216 -29.51 9.75 -16.62
N PRO A 217 -29.18 8.78 -17.49
CA PRO A 217 -28.85 9.13 -18.88
C PRO A 217 -29.97 9.89 -19.60
N GLU A 218 -31.23 9.49 -19.36
CA GLU A 218 -32.35 10.17 -19.99
C GLU A 218 -32.50 11.61 -19.48
N GLU A 219 -32.40 11.77 -18.16
CA GLU A 219 -32.50 13.10 -17.57
C GLU A 219 -31.36 13.98 -18.09
N PHE A 220 -30.17 13.40 -18.16
CA PHE A 220 -28.98 14.18 -18.49
C PHE A 220 -28.87 14.50 -19.98
N PHE A 221 -28.94 13.47 -20.82
CA PHE A 221 -28.77 13.67 -22.27
C PHE A 221 -30.05 14.07 -23.01
N LEU A 222 -31.21 13.61 -22.52
CA LEU A 222 -32.47 13.83 -23.22
C LEU A 222 -33.36 14.83 -22.49
N LYS A 223 -32.88 15.31 -21.35
CA LYS A 223 -33.62 16.26 -20.53
C LYS A 223 -35.00 15.79 -20.10
N TRP A 224 -35.19 14.48 -19.99
CA TRP A 224 -36.44 14.00 -19.41
C TRP A 224 -36.54 14.54 -17.99
N PRO A 225 -37.78 14.75 -17.51
CA PRO A 225 -38.11 15.09 -16.13
C PRO A 225 -37.55 14.05 -15.15
N ALA A 226 -37.14 14.47 -13.97
CA ALA A 226 -36.64 13.53 -12.96
C ALA A 226 -37.62 12.39 -12.71
N ALA A 227 -37.12 11.15 -12.81
CA ALA A 227 -37.93 9.98 -12.52
C ALA A 227 -38.02 9.72 -11.02
N ARG A 228 -39.14 9.13 -10.59
CA ARG A 228 -39.27 8.64 -9.22
C ARG A 228 -38.36 7.43 -8.96
N PHE A 229 -37.90 7.27 -7.73
CA PHE A 229 -36.92 6.23 -7.44
C PHE A 229 -37.03 5.78 -5.99
N GLU A 230 -36.36 4.68 -5.68
CA GLU A 230 -36.35 4.16 -4.33
C GLU A 230 -34.91 3.97 -3.85
N LEU A 231 -34.65 4.35 -2.60
CA LEU A 231 -33.37 4.07 -1.96
C LEU A 231 -33.50 2.83 -1.08
N PRO A 232 -32.37 2.19 -0.73
CA PRO A 232 -32.46 1.07 0.21
C PRO A 232 -33.10 1.50 1.54
N ALA A 233 -33.89 0.61 2.13
CA ALA A 233 -34.50 0.87 3.43
C ALA A 233 -33.43 1.08 4.49
N PHE A 234 -32.35 0.32 4.44
CA PHE A 234 -31.26 0.54 5.38
C PHE A 234 -30.31 1.65 4.92
N ASP A 235 -30.24 2.73 5.68
CA ASP A 235 -29.39 3.87 5.34
C ASP A 235 -28.28 3.97 6.39
N PRO A 236 -27.02 3.66 6.01
CA PRO A 236 -25.93 3.61 7.01
C PRO A 236 -25.57 4.98 7.59
N ARG A 237 -26.01 6.04 6.94
CA ARG A 237 -25.75 7.38 7.48
C ARG A 237 -26.51 7.64 8.79
N THR A 238 -27.52 6.82 9.08
CA THR A 238 -28.39 7.06 10.23
C THR A 238 -27.90 6.33 11.49
N ILE A 239 -26.92 5.46 11.33
CA ILE A 239 -26.38 4.70 12.46
CA ILE A 239 -26.40 4.71 12.46
C ILE A 239 -25.46 5.58 13.30
N SER A 240 -25.75 5.67 14.59
CA SER A 240 -24.95 6.52 15.48
C SER A 240 -24.73 5.86 16.83
N SER A 241 -24.00 6.53 17.71
CA SER A 241 -23.75 6.00 19.04
C SER A 241 -24.87 6.39 20.02
N ALA A 242 -26.10 6.46 19.56
CA ALA A 242 -27.17 6.93 20.43
C ALA A 242 -27.79 5.82 21.28
N GLY A 243 -28.33 6.19 22.44
CA GLY A 243 -29.13 5.27 23.22
C GLY A 243 -28.30 4.44 24.19
N PRO A 244 -28.96 3.48 24.83
CA PRO A 244 -28.31 2.64 25.86
C PRO A 244 -27.31 1.66 25.23
N LEU A 245 -26.31 1.26 26.00
CA LEU A 245 -25.32 0.28 25.56
C LEU A 245 -25.88 -1.14 25.62
N TYR A 246 -26.73 -1.39 26.61
CA TYR A 246 -27.37 -2.70 26.78
C TYR A 246 -28.66 -2.50 27.56
N LEU A 247 -29.55 -3.52 27.54
CA LEU A 247 -30.82 -3.49 28.25
C LEU A 247 -31.02 -4.82 28.95
N PRO A 248 -31.65 -4.81 30.13
CA PRO A 248 -32.15 -3.63 30.85
C PRO A 248 -31.01 -2.82 31.47
N GLU A 249 -31.16 -1.51 31.56
CA GLU A 249 -30.12 -0.65 32.14
C GLU A 249 -29.83 -0.93 33.61
N SER A 250 -30.80 -1.51 34.32
CA SER A 250 -30.61 -1.85 35.72
C SER A 250 -29.61 -2.98 35.91
N SER A 251 -29.41 -3.78 34.85
CA SER A 251 -28.44 -4.86 34.94
C SER A 251 -27.01 -4.34 34.88
N SER A 252 -26.07 -5.25 35.09
CA SER A 252 -24.65 -4.96 34.97
C SER A 252 -24.13 -5.76 33.79
N LEU A 253 -23.27 -5.13 32.98
CA LEU A 253 -22.73 -5.79 31.80
C LEU A 253 -21.78 -6.93 32.20
N LEU A 254 -20.92 -6.66 33.18
CA LEU A 254 -19.97 -7.66 33.66
C LEU A 254 -20.45 -8.30 34.96
N SER A 255 -19.94 -9.48 35.25
CA SER A 255 -20.03 -10.06 36.59
C SER A 255 -18.63 -10.12 37.17
N PRO A 256 -18.51 -9.93 38.48
CA PRO A 256 -17.18 -10.05 39.10
C PRO A 256 -16.84 -11.52 39.35
N ASN A 257 -17.83 -12.39 39.20
CA ASN A 257 -17.69 -13.80 39.51
C ASN A 257 -17.69 -14.65 38.24
N PRO A 258 -17.13 -15.86 38.33
CA PRO A 258 -17.13 -16.83 37.22
C PRO A 258 -18.52 -16.94 36.59
N GLU A 259 -18.56 -17.03 35.26
CA GLU A 259 -19.81 -17.25 34.54
C GLU A 259 -19.52 -17.65 33.11
N VAL A 260 -20.55 -18.12 32.42
CA VAL A 260 -20.51 -18.28 30.97
C VAL A 260 -21.50 -17.28 30.37
N VAL A 261 -21.02 -16.41 29.47
CA VAL A 261 -21.93 -15.56 28.70
C VAL A 261 -22.07 -16.15 27.31
N VAL A 262 -23.31 -16.38 26.88
CA VAL A 262 -23.54 -16.93 25.55
C VAL A 262 -24.03 -15.82 24.64
N ALA A 263 -23.22 -15.48 23.63
CA ALA A 263 -23.63 -14.48 22.64
C ALA A 263 -24.64 -15.08 21.65
N VAL A 264 -25.53 -14.23 21.17
CA VAL A 264 -26.46 -14.62 20.11
C VAL A 264 -26.56 -13.47 19.12
N GLY A 265 -26.49 -13.80 17.83
CA GLY A 265 -26.72 -12.77 16.81
C GLY A 265 -26.21 -13.12 15.43
N PHE A 266 -26.77 -12.46 14.41
CA PHE A 266 -26.29 -12.63 13.04
C PHE A 266 -24.78 -12.52 12.93
N PRO A 267 -24.19 -13.26 11.97
CA PRO A 267 -22.85 -12.84 11.55
C PRO A 267 -22.96 -11.40 11.06
N GLY A 268 -22.03 -10.55 11.48
CA GLY A 268 -22.13 -9.14 11.19
C GLY A 268 -22.88 -8.32 12.24
N ALA A 269 -23.31 -8.96 13.33
CA ALA A 269 -24.05 -8.27 14.38
C ALA A 269 -23.16 -7.39 15.26
N GLY A 270 -21.86 -7.65 15.23
CA GLY A 270 -20.91 -6.89 16.03
C GLY A 270 -20.54 -7.62 17.32
N LYS A 271 -20.78 -8.92 17.37
CA LYS A 271 -20.47 -9.74 18.54
C LYS A 271 -18.98 -9.68 18.96
N SER A 272 -18.08 -10.04 18.05
CA SER A 272 -16.65 -10.03 18.38
C SER A 272 -16.13 -8.66 18.80
N THR A 273 -16.52 -7.64 18.04
CA THR A 273 -16.09 -6.27 18.33
C THR A 273 -16.55 -5.86 19.73
N PHE A 274 -17.80 -6.15 20.05
CA PHE A 274 -18.36 -5.85 21.37
C PHE A 274 -17.65 -6.64 22.49
N ILE A 275 -17.49 -7.93 22.28
CA ILE A 275 -16.85 -8.79 23.26
C ILE A 275 -15.41 -8.34 23.53
N GLN A 276 -14.67 -8.07 22.46
CA GLN A 276 -13.29 -7.62 22.61
C GLN A 276 -13.22 -6.33 23.42
N GLU A 277 -14.09 -5.38 23.08
CA GLU A 277 -14.08 -4.05 23.69
C GLU A 277 -14.47 -4.04 25.17
N HIS A 278 -15.53 -4.76 25.52
CA HIS A 278 -16.13 -4.66 26.84
C HIS A 278 -15.82 -5.83 27.78
N LEU A 279 -15.61 -7.01 27.22
CA LEU A 279 -15.44 -8.21 28.05
C LEU A 279 -14.00 -8.70 28.14
N VAL A 280 -13.38 -8.96 26.99
CA VAL A 280 -11.99 -9.43 26.97
C VAL A 280 -11.11 -8.44 27.71
N SER A 281 -11.30 -7.16 27.41
CA SER A 281 -10.59 -6.10 28.10
C SER A 281 -10.70 -6.18 29.63
N ALA A 282 -11.80 -6.72 30.14
CA ALA A 282 -11.98 -6.87 31.60
C ALA A 282 -11.50 -8.21 32.18
N GLY A 283 -11.03 -9.12 31.33
CA GLY A 283 -10.52 -10.40 31.80
C GLY A 283 -11.34 -11.63 31.42
N TYR A 284 -12.41 -11.47 30.66
CA TYR A 284 -13.16 -12.62 30.17
C TYR A 284 -12.34 -13.39 29.15
N VAL A 285 -12.50 -14.71 29.15
CA VAL A 285 -11.91 -15.54 28.10
C VAL A 285 -12.82 -15.52 26.88
N HIS A 286 -12.22 -15.32 25.72
CA HIS A 286 -12.94 -15.20 24.47
C HIS A 286 -12.92 -16.55 23.76
N VAL A 287 -14.04 -17.25 23.79
CA VAL A 287 -14.20 -18.48 23.00
C VAL A 287 -14.76 -18.07 21.66
N ASN A 288 -13.92 -18.09 20.64
CA ASN A 288 -14.27 -17.50 19.36
C ASN A 288 -14.46 -18.56 18.28
N ARG A 289 -15.71 -18.77 17.85
CA ARG A 289 -16.01 -19.75 16.82
C ARG A 289 -15.21 -19.40 15.56
N ASP A 290 -14.99 -18.10 15.36
CA ASP A 290 -14.27 -17.60 14.19
C ASP A 290 -12.88 -18.22 14.08
N THR A 291 -12.22 -18.42 15.21
CA THR A 291 -10.84 -18.90 15.18
C THR A 291 -10.72 -20.35 15.61
N LEU A 292 -11.77 -20.86 16.25
CA LEU A 292 -11.74 -22.22 16.76
C LEU A 292 -12.14 -23.26 15.71
N GLY A 293 -12.92 -22.84 14.72
CA GLY A 293 -13.21 -23.69 13.58
C GLY A 293 -14.39 -24.63 13.70
N SER A 294 -14.94 -24.79 14.91
CA SER A 294 -16.06 -25.72 15.09
C SER A 294 -16.80 -25.47 16.39
N TRP A 295 -18.06 -25.86 16.45
CA TRP A 295 -18.80 -25.72 17.70
C TRP A 295 -18.22 -26.65 18.77
N GLN A 296 -17.70 -27.80 18.35
CA GLN A 296 -17.12 -28.76 19.29
C GLN A 296 -15.95 -28.16 20.06
N ARG A 297 -15.13 -27.36 19.39
CA ARG A 297 -14.00 -26.75 20.07
C ARG A 297 -14.43 -25.54 20.90
N CYS A 298 -15.53 -24.89 20.52
CA CYS A 298 -16.10 -23.86 21.39
C CYS A 298 -16.47 -24.50 22.73
N VAL A 299 -17.08 -25.68 22.68
CA VAL A 299 -17.45 -26.36 23.91
C VAL A 299 -16.22 -26.73 24.72
N SER A 300 -15.22 -27.34 24.08
CA SER A 300 -14.05 -27.76 24.83
C SER A 300 -13.27 -26.58 25.40
N SER A 301 -13.21 -25.48 24.65
CA SER A 301 -12.58 -24.26 25.15
C SER A 301 -13.36 -23.66 26.32
N CYS A 302 -14.68 -23.64 26.21
CA CYS A 302 -15.53 -23.25 27.33
C CYS A 302 -15.19 -24.06 28.58
N GLN A 303 -15.23 -25.38 28.44
CA GLN A 303 -14.91 -26.28 29.54
C GLN A 303 -13.52 -25.98 30.13
N ALA A 304 -12.55 -25.76 29.26
CA ALA A 304 -11.18 -25.50 29.71
C ALA A 304 -11.08 -24.20 30.52
N ALA A 305 -11.69 -23.14 30.02
CA ALA A 305 -11.63 -21.86 30.70
C ALA A 305 -12.31 -21.94 32.07
N LEU A 306 -13.44 -22.64 32.12
CA LEU A 306 -14.17 -22.82 33.36
C LEU A 306 -13.31 -23.57 34.40
N ARG A 307 -12.60 -24.60 33.95
CA ARG A 307 -11.67 -25.34 34.82
C ARG A 307 -10.61 -24.42 35.41
N GLN A 308 -10.22 -23.39 34.65
CA GLN A 308 -9.23 -22.41 35.11
C GLN A 308 -9.87 -21.32 35.97
N GLY A 309 -11.16 -21.46 36.29
CA GLY A 309 -11.83 -20.52 37.19
C GLY A 309 -12.14 -19.17 36.57
N LYS A 310 -12.16 -19.12 35.24
CA LYS A 310 -12.31 -17.86 34.52
C LYS A 310 -13.77 -17.54 34.23
N ARG A 311 -14.02 -16.28 33.90
CA ARG A 311 -15.28 -15.88 33.28
C ARG A 311 -15.08 -16.07 31.78
N VAL A 312 -16.11 -16.52 31.08
CA VAL A 312 -15.91 -16.87 29.69
C VAL A 312 -17.10 -16.46 28.86
N VAL A 313 -16.83 -16.00 27.65
CA VAL A 313 -17.89 -15.60 26.73
C VAL A 313 -17.81 -16.44 25.46
N ILE A 314 -18.94 -17.01 25.08
CA ILE A 314 -19.03 -17.83 23.88
C ILE A 314 -19.45 -16.95 22.71
N ASP A 315 -18.49 -16.68 21.82
CA ASP A 315 -18.68 -15.84 20.64
C ASP A 315 -19.04 -16.73 19.45
N ASN A 316 -20.34 -16.96 19.24
CA ASN A 316 -20.84 -17.68 18.07
C ASN A 316 -22.22 -17.13 17.76
N THR A 317 -22.79 -17.51 16.62
CA THR A 317 -24.13 -17.06 16.28
C THR A 317 -25.21 -17.61 17.22
N ASN A 318 -25.10 -18.88 17.60
CA ASN A 318 -26.06 -19.49 18.55
C ASN A 318 -27.54 -19.16 18.33
N PRO A 319 -28.03 -19.34 17.09
CA PRO A 319 -29.43 -19.01 16.80
C PRO A 319 -30.43 -19.93 17.49
N ASP A 320 -30.03 -21.17 17.78
CA ASP A 320 -30.97 -22.23 18.11
C ASP A 320 -30.84 -22.65 19.58
N VAL A 321 -31.88 -23.28 20.10
CA VAL A 321 -31.89 -23.76 21.49
C VAL A 321 -30.80 -24.81 21.80
N PRO A 322 -30.65 -25.83 20.95
CA PRO A 322 -29.64 -26.86 21.20
C PRO A 322 -28.22 -26.27 21.24
N SER A 323 -27.94 -25.30 20.38
CA SER A 323 -26.60 -24.72 20.39
C SER A 323 -26.34 -24.03 21.74
N ARG A 324 -27.29 -23.25 22.21
CA ARG A 324 -27.15 -22.55 23.47
C ARG A 324 -27.10 -23.54 24.66
N ALA A 325 -27.86 -24.64 24.56
CA ALA A 325 -27.97 -25.59 25.67
C ALA A 325 -26.63 -26.17 26.06
N ARG A 326 -25.76 -26.38 25.07
CA ARG A 326 -24.46 -26.98 25.36
C ARG A 326 -23.62 -26.14 26.35
N TYR A 327 -23.70 -24.82 26.23
CA TYR A 327 -22.92 -23.93 27.08
C TYR A 327 -23.59 -23.73 28.43
N ILE A 328 -24.92 -23.71 28.43
CA ILE A 328 -25.64 -23.70 29.70
C ILE A 328 -25.26 -24.94 30.50
N GLN A 329 -25.13 -26.06 29.80
CA GLN A 329 -24.78 -27.30 30.49
C GLN A 329 -23.35 -27.24 31.00
N CYS A 330 -22.44 -26.68 30.20
CA CYS A 330 -21.08 -26.45 30.65
C CYS A 330 -21.08 -25.62 31.94
N ALA A 331 -21.93 -24.60 31.97
CA ALA A 331 -22.00 -23.73 33.14
C ALA A 331 -22.44 -24.54 34.35
N LYS A 332 -23.50 -25.33 34.18
CA LYS A 332 -23.98 -26.16 35.27
C LYS A 332 -22.89 -27.10 35.74
N ASP A 333 -22.22 -27.75 34.79
CA ASP A 333 -21.20 -28.73 35.13
C ASP A 333 -20.14 -28.09 36.03
N ALA A 334 -19.86 -26.81 35.77
CA ALA A 334 -18.75 -26.13 36.45
C ALA A 334 -19.20 -25.38 37.70
N GLY A 335 -20.50 -25.28 37.92
CA GLY A 335 -21.00 -24.52 39.06
C GLY A 335 -20.91 -23.01 38.89
N VAL A 336 -21.19 -22.51 37.69
CA VAL A 336 -21.22 -21.08 37.45
C VAL A 336 -22.52 -20.71 36.75
N PRO A 337 -22.99 -19.47 36.93
CA PRO A 337 -24.21 -19.02 36.25
C PRO A 337 -23.99 -18.85 34.75
N CYS A 338 -25.07 -18.83 33.99
CA CYS A 338 -24.98 -18.60 32.56
C CYS A 338 -25.91 -17.47 32.16
N ARG A 339 -25.37 -16.48 31.46
CA ARG A 339 -26.18 -15.38 30.96
C ARG A 339 -26.15 -15.38 29.43
N CYS A 340 -27.13 -14.71 28.82
CA CYS A 340 -27.15 -14.58 27.36
C CYS A 340 -27.04 -13.12 26.97
N PHE A 341 -26.16 -12.82 26.01
CA PHE A 341 -26.11 -11.48 25.43
C PHE A 341 -26.73 -11.60 24.04
N ASN A 342 -27.92 -11.02 23.88
CA ASN A 342 -28.67 -11.12 22.65
C ASN A 342 -28.44 -9.89 21.78
N PHE A 343 -27.53 -10.00 20.80
CA PHE A 343 -27.20 -8.87 19.93
C PHE A 343 -28.32 -8.60 18.94
N CYS A 344 -28.78 -7.35 18.93
CA CYS A 344 -30.05 -7.00 18.29
C CYS A 344 -30.00 -6.53 16.84
N ALA A 345 -28.80 -6.48 16.24
CA ALA A 345 -28.69 -6.04 14.85
C ALA A 345 -29.71 -6.76 13.96
N THR A 346 -30.41 -6.00 13.13
CA THR A 346 -31.37 -6.59 12.19
C THR A 346 -30.61 -7.02 10.93
N ILE A 347 -31.30 -7.76 10.07
CA ILE A 347 -30.64 -8.39 8.93
C ILE A 347 -29.80 -7.44 8.07
N GLU A 348 -30.36 -6.28 7.70
CA GLU A 348 -29.67 -5.37 6.79
C GLU A 348 -28.50 -4.64 7.45
N GLN A 349 -28.61 -4.43 8.75
CA GLN A 349 -27.51 -3.86 9.52
C GLN A 349 -26.35 -4.87 9.53
N ALA A 350 -26.65 -6.13 9.81
CA ALA A 350 -25.63 -7.17 9.83
C ALA A 350 -24.99 -7.31 8.45
N ARG A 351 -25.81 -7.25 7.41
CA ARG A 351 -25.31 -7.37 6.04
CA ARG A 351 -25.30 -7.38 6.04
C ARG A 351 -24.37 -6.22 5.71
N HIS A 352 -24.77 -5.00 6.09
CA HIS A 352 -23.94 -3.84 5.88
C HIS A 352 -22.60 -4.04 6.59
N ASN A 353 -22.67 -4.51 7.84
CA ASN A 353 -21.46 -4.79 8.61
C ASN A 353 -20.55 -5.85 7.98
N ASN A 354 -21.16 -6.87 7.39
CA ASN A 354 -20.37 -7.91 6.71
C ASN A 354 -19.57 -7.34 5.56
N ARG A 355 -20.19 -6.46 4.77
CA ARG A 355 -19.48 -5.83 3.65
C ARG A 355 -18.38 -4.92 4.17
N PHE A 356 -18.66 -4.24 5.28
CA PHE A 356 -17.68 -3.34 5.86
C PHE A 356 -16.45 -4.13 6.34
N ARG A 357 -16.70 -5.31 6.90
CA ARG A 357 -15.62 -6.17 7.37
C ARG A 357 -14.74 -6.62 6.18
N GLU A 358 -15.38 -6.95 5.06
CA GLU A 358 -14.65 -7.41 3.89
C GLU A 358 -13.71 -6.33 3.38
N MET A 359 -14.14 -5.07 3.52
CA MET A 359 -13.36 -3.95 2.99
C MET A 359 -12.27 -3.48 3.94
N THR A 360 -12.33 -3.95 5.19
CA THR A 360 -11.42 -3.42 6.20
C THR A 360 -10.58 -4.49 6.87
N ASP A 361 -11.02 -5.75 6.79
CA ASP A 361 -10.35 -6.81 7.53
C ASP A 361 -10.30 -8.08 6.70
N PRO A 362 -9.20 -8.28 5.96
CA PRO A 362 -8.97 -9.43 5.07
C PRO A 362 -8.86 -10.77 5.81
N SER A 363 -8.54 -10.76 7.10
CA SER A 363 -8.33 -12.00 7.85
C SER A 363 -9.61 -12.80 8.13
N HIS A 364 -10.76 -12.17 7.96
CA HIS A 364 -12.03 -12.83 8.19
C HIS A 364 -12.56 -13.22 6.81
N ALA A 365 -13.14 -14.42 6.71
CA ALA A 365 -13.70 -14.87 5.43
C ALA A 365 -15.03 -14.19 5.16
N PRO A 366 -15.42 -14.07 3.88
CA PRO A 366 -16.71 -13.45 3.57
C PRO A 366 -17.85 -14.32 4.08
N VAL A 367 -18.93 -13.72 4.55
CA VAL A 367 -20.08 -14.48 5.02
C VAL A 367 -21.06 -14.74 3.87
N SER A 368 -21.34 -16.01 3.58
CA SER A 368 -22.23 -16.35 2.48
C SER A 368 -23.68 -16.01 2.75
N ASP A 369 -24.44 -15.87 1.67
CA ASP A 369 -25.88 -15.67 1.78
C ASP A 369 -26.56 -16.88 2.39
N MET A 370 -26.02 -18.08 2.14
CA MET A 370 -26.56 -19.31 2.72
C MET A 370 -26.42 -19.29 4.23
N VAL A 371 -25.29 -18.78 4.72
CA VAL A 371 -25.08 -18.68 6.16
C VAL A 371 -26.10 -17.75 6.81
N MET A 372 -26.35 -16.60 6.17
CA MET A 372 -27.30 -15.65 6.72
C MET A 372 -28.72 -16.24 6.69
N PHE A 373 -29.03 -16.92 5.59
CA PHE A 373 -30.35 -17.52 5.38
C PHE A 373 -30.61 -18.61 6.43
N SER A 374 -29.63 -19.49 6.62
CA SER A 374 -29.73 -20.56 7.60
C SER A 374 -29.85 -20.05 9.03
N TYR A 375 -29.12 -18.99 9.37
CA TYR A 375 -29.28 -18.34 10.68
C TYR A 375 -30.73 -17.90 10.87
N ARG A 376 -31.26 -17.17 9.89
CA ARG A 376 -32.63 -16.68 9.95
C ARG A 376 -33.62 -17.81 10.19
N LYS A 377 -33.47 -18.90 9.46
CA LYS A 377 -34.38 -20.04 9.56
C LYS A 377 -34.26 -20.77 10.89
N GLN A 378 -33.04 -20.86 11.42
CA GLN A 378 -32.83 -21.52 12.70
C GLN A 378 -33.14 -20.66 13.93
N PHE A 379 -33.21 -19.34 13.76
CA PHE A 379 -33.32 -18.46 14.92
C PHE A 379 -34.51 -18.73 15.83
N GLU A 380 -34.22 -18.97 17.11
CA GLU A 380 -35.24 -19.03 18.16
C GLU A 380 -34.86 -18.03 19.24
N PRO A 381 -35.77 -17.13 19.61
CA PRO A 381 -35.35 -16.15 20.62
C PRO A 381 -34.91 -16.86 21.90
N PRO A 382 -33.85 -16.36 22.53
CA PRO A 382 -33.41 -16.87 23.83
C PRO A 382 -34.42 -16.52 24.91
N THR A 383 -34.71 -17.46 25.81
CA THR A 383 -35.59 -17.18 26.95
C THR A 383 -35.00 -17.78 28.22
N LEU A 384 -35.47 -17.28 29.36
CA LEU A 384 -34.98 -17.77 30.65
C LEU A 384 -35.23 -19.26 30.84
N ALA A 385 -36.25 -19.78 30.16
CA ALA A 385 -36.62 -21.19 30.32
C ALA A 385 -35.50 -22.14 29.90
N GLU A 386 -34.59 -21.66 29.05
CA GLU A 386 -33.42 -22.44 28.69
C GLU A 386 -32.45 -22.64 29.85
N GLY A 387 -32.51 -21.77 30.87
CA GLY A 387 -31.61 -21.89 32.00
C GLY A 387 -30.73 -20.68 32.26
N PHE A 388 -30.82 -19.67 31.40
CA PHE A 388 -30.10 -18.42 31.63
C PHE A 388 -30.56 -17.72 32.92
N LEU A 389 -29.59 -17.16 33.66
CA LEU A 389 -29.88 -16.36 34.84
C LEU A 389 -30.53 -15.05 34.42
N GLU A 390 -30.05 -14.50 33.31
CA GLU A 390 -30.63 -13.30 32.74
C GLU A 390 -30.21 -13.16 31.29
N ILE A 391 -31.00 -12.43 30.52
CA ILE A 391 -30.66 -12.17 29.13
C ILE A 391 -30.52 -10.67 28.99
N LEU A 392 -29.41 -10.22 28.43
CA LEU A 392 -29.25 -8.81 28.09
C LEU A 392 -29.43 -8.66 26.59
N GLU A 393 -30.15 -7.61 26.19
CA GLU A 393 -30.21 -7.23 24.79
C GLU A 393 -29.14 -6.18 24.52
N ILE A 394 -28.38 -6.38 23.45
CA ILE A 394 -27.33 -5.47 23.09
C ILE A 394 -27.73 -4.79 21.79
N PRO A 395 -28.20 -3.54 21.88
CA PRO A 395 -28.63 -2.78 20.70
C PRO A 395 -27.44 -2.58 19.79
N PHE A 396 -27.63 -2.55 18.48
CA PHE A 396 -26.49 -2.14 17.66
C PHE A 396 -26.33 -0.64 17.79
N ARG A 397 -25.12 -0.23 18.13
CA ARG A 397 -24.86 1.15 18.48
C ARG A 397 -23.46 1.46 17.99
N LEU A 398 -23.34 2.48 17.14
CA LEU A 398 -22.06 2.85 16.58
C LEU A 398 -21.00 2.97 17.65
N GLN A 399 -19.85 2.36 17.41
CA GLN A 399 -18.73 2.45 18.33
C GLN A 399 -18.33 3.90 18.58
N GLU A 400 -18.04 4.20 19.85
CA GLU A 400 -17.95 5.58 20.35
C GLU A 400 -16.90 6.50 19.74
N HIS A 401 -15.68 6.00 19.53
CA HIS A 401 -14.61 6.86 19.04
C HIS A 401 -13.97 6.31 17.77
N LEU A 402 -14.81 6.07 16.77
CA LEU A 402 -14.34 5.54 15.49
C LEU A 402 -13.42 6.54 14.78
N ASP A 403 -12.30 6.03 14.30
CA ASP A 403 -11.45 6.80 13.41
C ASP A 403 -12.30 7.39 12.27
N PRO A 404 -12.15 8.70 12.01
CA PRO A 404 -12.87 9.41 10.94
C PRO A 404 -12.75 8.75 9.56
N ALA A 405 -11.60 8.20 9.20
CA ALA A 405 -11.48 7.50 7.93
C ALA A 405 -12.42 6.30 7.89
N LEU A 406 -12.48 5.60 9.01
CA LEU A 406 -13.33 4.42 9.13
C LEU A 406 -14.79 4.81 9.12
N GLN A 407 -15.13 5.87 9.84
CA GLN A 407 -16.50 6.36 9.91
C GLN A 407 -16.98 6.79 8.52
N ARG A 408 -16.09 7.41 7.76
CA ARG A 408 -16.44 7.89 6.43
C ARG A 408 -16.86 6.70 5.55
N LEU A 409 -16.05 5.66 5.58
CA LEU A 409 -16.36 4.44 4.85
C LEU A 409 -17.64 3.78 5.39
N TYR A 410 -17.75 3.71 6.72
CA TYR A 410 -18.84 3.00 7.36
C TYR A 410 -20.21 3.56 6.98
N ARG A 411 -20.27 4.89 6.82
CA ARG A 411 -21.51 5.59 6.50
C ARG A 411 -21.94 5.48 5.03
N GLN A 412 -21.14 4.82 4.21
CA GLN A 412 -21.46 4.71 2.78
C GLN A 412 -22.35 3.49 2.50
N PHE A 413 -23.38 3.69 1.67
CA PHE A 413 -24.15 2.60 1.12
C PHE A 413 -23.15 1.73 0.37
N SER A 414 -23.19 0.42 0.58
CA SER A 414 -22.21 -0.46 -0.03
C SER A 414 -22.87 -1.55 -0.88
N GLU A 415 -24.16 -1.42 -1.13
CA GLU A 415 -24.87 -2.35 -1.99
C GLU A 415 -25.91 -1.65 -2.86
N GLY A 416 -25.84 -1.91 -4.17
CA GLY A 416 -26.76 -1.32 -5.12
C GLY A 416 -28.13 -1.93 -5.03
N LEU B 38 -0.47 -1.88 -27.16
CA LEU B 38 0.69 -1.76 -26.29
C LEU B 38 0.82 -2.99 -25.40
N GLY B 39 0.10 -2.98 -24.29
CA GLY B 39 0.39 -3.89 -23.20
C GLY B 39 1.40 -3.21 -22.30
N TRP B 40 1.86 -1.95 -22.75
CA TRP B 40 2.81 -1.18 -21.94
C TRP B 40 2.10 -0.20 -21.01
N GLU B 41 2.61 -0.07 -19.80
CA GLU B 41 2.19 1.00 -18.89
C GLU B 41 3.39 1.84 -18.49
N SER B 42 3.18 3.16 -18.42
CA SER B 42 4.21 4.07 -17.95
C SER B 42 3.75 4.69 -16.64
N LEU B 43 4.35 4.24 -15.54
CA LEU B 43 3.93 4.66 -14.22
C LEU B 43 5.01 5.55 -13.60
N LYS B 44 4.99 5.71 -12.29
CA LYS B 44 5.98 6.57 -11.63
C LYS B 44 7.34 5.88 -11.62
N LYS B 45 8.23 6.31 -12.53
CA LYS B 45 9.58 5.79 -12.56
C LYS B 45 9.55 4.29 -12.74
N LEU B 46 8.67 3.84 -13.62
CA LEU B 46 8.50 2.41 -13.88
C LEU B 46 7.77 2.16 -15.18
N LEU B 47 8.33 1.29 -16.02
CA LEU B 47 7.57 0.77 -17.14
C LEU B 47 7.17 -0.66 -16.83
N VAL B 48 5.95 -1.02 -17.19
CA VAL B 48 5.51 -2.41 -17.09
C VAL B 48 4.93 -2.88 -18.42
N PHE B 49 5.49 -3.96 -18.95
CA PHE B 49 4.91 -4.61 -20.12
C PHE B 49 4.34 -5.96 -19.71
N THR B 50 3.12 -6.23 -20.15
CA THR B 50 2.54 -7.54 -19.93
C THR B 50 2.14 -8.17 -21.26
N ALA B 51 2.88 -9.17 -21.68
CA ALA B 51 2.61 -9.82 -22.96
C ALA B 51 1.24 -10.49 -22.96
N SER B 52 0.63 -10.57 -24.14
CA SER B 52 -0.55 -11.39 -24.30
C SER B 52 -0.19 -12.80 -23.88
N GLY B 53 -1.09 -13.48 -23.18
CA GLY B 53 -0.80 -14.83 -22.72
C GLY B 53 -0.28 -14.92 -21.29
N VAL B 54 0.12 -13.79 -20.70
CA VAL B 54 0.60 -13.80 -19.31
C VAL B 54 -0.53 -14.13 -18.32
N LYS B 55 -0.25 -15.00 -17.36
CA LYS B 55 -1.22 -15.30 -16.30
C LYS B 55 -0.62 -15.02 -14.93
N PRO B 56 -1.41 -14.41 -14.04
CA PRO B 56 -0.95 -14.33 -12.66
C PRO B 56 -0.76 -15.74 -12.14
N GLN B 57 0.30 -15.96 -11.38
CA GLN B 57 0.54 -17.25 -10.76
C GLN B 57 0.97 -16.99 -9.33
N GLY B 58 0.96 -18.03 -8.52
CA GLY B 58 1.37 -17.91 -7.13
C GLY B 58 2.85 -18.12 -6.93
N LYS B 59 3.57 -18.37 -8.02
CA LYS B 59 5.04 -18.46 -7.99
C LYS B 59 5.64 -17.81 -9.25
N VAL B 60 6.84 -17.25 -9.10
CA VAL B 60 7.46 -16.48 -10.18
C VAL B 60 8.86 -17.00 -10.48
N ALA B 61 9.19 -17.10 -11.77
CA ALA B 61 10.58 -17.26 -12.20
C ALA B 61 10.96 -15.93 -12.86
N ALA B 62 11.84 -15.18 -12.21
CA ALA B 62 12.15 -13.83 -12.64
C ALA B 62 13.62 -13.74 -13.06
N PHE B 63 13.89 -12.85 -14.01
CA PHE B 63 15.19 -12.78 -14.65
C PHE B 63 15.61 -11.36 -14.88
N ASP B 64 16.90 -11.12 -14.72
CA ASP B 64 17.48 -9.90 -15.23
C ASP B 64 17.49 -10.05 -16.78
N LEU B 65 17.70 -8.95 -17.48
CA LEU B 65 17.74 -8.95 -18.93
C LEU B 65 19.18 -9.02 -19.47
N ASP B 66 19.90 -7.90 -19.39
CA ASP B 66 21.22 -7.74 -20.02
C ASP B 66 22.28 -8.61 -19.35
N GLY B 67 22.81 -9.58 -20.09
CA GLY B 67 23.80 -10.49 -19.54
C GLY B 67 23.20 -11.70 -18.83
N THR B 68 21.87 -11.81 -18.87
CA THR B 68 21.20 -12.91 -18.21
C THR B 68 20.35 -13.71 -19.23
N LEU B 69 19.46 -13.01 -19.92
CA LEU B 69 18.72 -13.64 -21.03
C LEU B 69 19.35 -13.32 -22.39
N ILE B 70 19.98 -12.15 -22.51
CA ILE B 70 20.62 -11.71 -23.74
C ILE B 70 22.04 -11.20 -23.48
N THR B 71 22.82 -11.10 -24.55
CA THR B 71 24.10 -10.39 -24.52
C THR B 71 24.29 -9.76 -25.89
N THR B 72 25.36 -9.00 -26.06
CA THR B 72 25.58 -8.33 -27.33
C THR B 72 25.92 -9.35 -28.42
N ARG B 73 25.42 -9.09 -29.62
CA ARG B 73 25.82 -9.87 -30.79
C ARG B 73 27.26 -9.47 -31.13
N SER B 74 27.57 -8.19 -30.90
CA SER B 74 28.88 -7.63 -31.22
C SER B 74 30.00 -8.14 -30.33
N GLY B 75 29.65 -8.56 -29.11
CA GLY B 75 30.65 -9.03 -28.17
C GLY B 75 31.28 -7.87 -27.41
N LYS B 76 30.82 -6.66 -27.71
CA LYS B 76 31.22 -5.50 -26.93
C LYS B 76 30.56 -5.61 -25.57
N VAL B 77 31.09 -4.88 -24.59
CA VAL B 77 30.53 -4.92 -23.24
C VAL B 77 29.16 -4.26 -23.23
N PHE B 78 29.07 -3.11 -23.87
CA PHE B 78 27.80 -2.42 -24.04
C PHE B 78 27.32 -2.57 -25.48
N PRO B 79 25.99 -2.67 -25.67
CA PRO B 79 25.43 -2.80 -27.03
C PRO B 79 25.78 -1.58 -27.88
N THR B 80 26.14 -1.81 -29.14
CA THR B 80 26.49 -0.70 -30.02
C THR B 80 25.26 -0.01 -30.59
N SER B 81 24.09 -0.63 -30.42
CA SER B 81 22.83 -0.01 -30.79
C SER B 81 21.73 -0.88 -30.19
N PRO B 82 20.47 -0.42 -30.28
CA PRO B 82 19.34 -1.21 -29.78
C PRO B 82 19.19 -2.58 -30.45
N SER B 83 19.86 -2.80 -31.59
CA SER B 83 19.76 -4.07 -32.31
C SER B 83 20.84 -5.07 -31.89
N ASP B 84 21.79 -4.61 -31.11
CA ASP B 84 22.98 -5.40 -30.81
C ASP B 84 22.74 -6.37 -29.65
N TRP B 85 21.99 -7.43 -29.94
CA TRP B 85 21.64 -8.42 -28.94
C TRP B 85 21.47 -9.82 -29.55
N ARG B 86 21.66 -10.84 -28.72
CA ARG B 86 21.31 -12.22 -29.07
C ARG B 86 20.96 -12.96 -27.77
N ILE B 87 20.20 -14.04 -27.86
CA ILE B 87 19.94 -14.87 -26.68
C ILE B 87 21.28 -15.37 -26.14
N LEU B 88 21.46 -15.29 -24.82
CA LEU B 88 22.76 -15.59 -24.19
C LEU B 88 23.23 -17.04 -24.38
N TYR B 89 22.38 -18.00 -24.02
CA TYR B 89 22.71 -19.42 -24.14
C TYR B 89 21.58 -20.10 -24.88
N PRO B 90 21.93 -21.07 -25.76
CA PRO B 90 20.91 -21.74 -26.58
C PRO B 90 19.89 -22.48 -25.72
N GLU B 91 20.28 -22.84 -24.50
CA GLU B 91 19.42 -23.59 -23.58
C GLU B 91 18.22 -22.78 -23.07
N ILE B 92 18.29 -21.46 -23.20
CA ILE B 92 17.34 -20.58 -22.53
C ILE B 92 15.87 -20.75 -22.91
N PRO B 93 15.56 -20.70 -24.22
CA PRO B 93 14.14 -20.78 -24.61
C PRO B 93 13.45 -22.06 -24.12
N LYS B 94 14.13 -23.20 -24.17
CA LYS B 94 13.53 -24.44 -23.71
C LYS B 94 13.28 -24.42 -22.19
N LYS B 95 14.28 -23.97 -21.43
CA LYS B 95 14.09 -23.87 -19.99
C LYS B 95 12.89 -22.99 -19.67
N LEU B 96 12.76 -21.89 -20.41
CA LEU B 96 11.69 -20.94 -20.16
C LEU B 96 10.33 -21.57 -20.45
N GLN B 97 10.25 -22.34 -21.52
CA GLN B 97 9.01 -23.02 -21.86
C GLN B 97 8.64 -23.99 -20.74
N GLU B 98 9.63 -24.73 -20.26
CA GLU B 98 9.40 -25.68 -19.17
C GLU B 98 8.92 -25.00 -17.89
N LEU B 99 9.53 -23.88 -17.53
CA LEU B 99 9.11 -23.11 -16.37
C LEU B 99 7.66 -22.65 -16.50
N ALA B 100 7.30 -22.16 -17.68
CA ALA B 100 5.94 -21.72 -17.91
C ALA B 100 4.99 -22.91 -17.74
N ALA B 101 5.41 -24.06 -18.28
CA ALA B 101 4.60 -25.28 -18.21
C ALA B 101 4.42 -25.72 -16.76
N GLU B 102 5.41 -25.46 -15.92
CA GLU B 102 5.39 -25.84 -14.52
C GLU B 102 4.54 -24.90 -13.66
N GLY B 103 3.99 -23.85 -14.27
CA GLY B 103 3.19 -22.89 -13.53
C GLY B 103 3.84 -21.60 -13.03
N TYR B 104 5.10 -21.34 -13.39
CA TYR B 104 5.74 -20.08 -13.00
C TYR B 104 5.30 -18.96 -13.93
N LYS B 105 4.96 -17.81 -13.36
CA LYS B 105 4.80 -16.61 -14.15
C LYS B 105 6.21 -16.13 -14.53
N LEU B 106 6.45 -15.88 -15.80
CA LEU B 106 7.78 -15.45 -16.22
C LEU B 106 7.87 -13.95 -16.15
N VAL B 107 8.87 -13.45 -15.43
CA VAL B 107 8.99 -12.01 -15.18
C VAL B 107 10.42 -11.53 -15.43
N ILE B 108 10.55 -10.32 -15.93
CA ILE B 108 11.85 -9.69 -16.06
C ILE B 108 11.91 -8.45 -15.17
N PHE B 109 12.99 -8.30 -14.42
CA PHE B 109 13.29 -7.10 -13.65
C PHE B 109 14.59 -6.52 -14.18
N THR B 110 14.52 -5.32 -14.78
CA THR B 110 15.71 -4.74 -15.42
C THR B 110 15.86 -3.24 -15.09
N ASN B 111 17.05 -2.87 -14.61
CA ASN B 111 17.43 -1.47 -14.44
C ASN B 111 17.78 -0.85 -15.79
N GLN B 112 17.15 0.27 -16.13
CA GLN B 112 17.45 0.99 -17.38
C GLN B 112 17.44 2.48 -17.09
N MET B 113 18.33 2.91 -16.21
CA MET B 113 18.38 4.31 -15.77
C MET B 113 18.80 5.26 -16.89
N GLY B 114 19.29 4.71 -18.00
CA GLY B 114 19.53 5.50 -19.19
C GLY B 114 18.25 6.18 -19.68
N ILE B 115 17.11 5.57 -19.38
CA ILE B 115 15.82 6.13 -19.77
C ILE B 115 15.52 7.39 -18.96
N GLY B 116 15.70 7.32 -17.64
CA GLY B 116 15.46 8.46 -16.78
C GLY B 116 16.50 9.56 -16.97
N ARG B 117 17.66 9.17 -17.48
CA ARG B 117 18.75 10.12 -17.73
C ARG B 117 18.71 10.72 -19.14
N GLY B 118 17.70 10.35 -19.92
CA GLY B 118 17.55 10.85 -21.27
C GLY B 118 18.55 10.34 -22.30
N LYS B 119 19.24 9.24 -21.98
CA LYS B 119 20.22 8.67 -22.93
C LYS B 119 19.56 7.67 -23.86
N LEU B 120 18.49 7.03 -23.39
CA LEU B 120 17.82 5.96 -24.11
C LEU B 120 16.32 6.25 -24.16
N PRO B 121 15.80 6.56 -25.35
CA PRO B 121 14.36 6.85 -25.44
C PRO B 121 13.56 5.64 -24.98
N ALA B 122 12.49 5.87 -24.21
CA ALA B 122 11.66 4.77 -23.74
C ALA B 122 11.11 3.91 -24.88
N GLU B 123 10.66 4.54 -25.96
CA GLU B 123 10.08 3.79 -27.07
C GLU B 123 11.11 2.88 -27.73
N VAL B 124 12.35 3.34 -27.75
CA VAL B 124 13.43 2.55 -28.33
C VAL B 124 13.65 1.29 -27.51
N PHE B 125 13.81 1.45 -26.20
CA PHE B 125 13.92 0.29 -25.32
C PHE B 125 12.69 -0.65 -25.43
N LYS B 126 11.50 -0.07 -25.46
CA LYS B 126 10.30 -0.88 -25.63
C LYS B 126 10.39 -1.77 -26.85
N GLY B 127 10.82 -1.20 -27.97
CA GLY B 127 10.95 -1.98 -29.20
C GLY B 127 11.95 -3.12 -29.07
N LYS B 128 13.04 -2.88 -28.35
CA LYS B 128 14.05 -3.91 -28.15
C LYS B 128 13.46 -5.04 -27.30
N VAL B 129 12.81 -4.66 -26.20
CA VAL B 129 12.16 -5.64 -25.34
C VAL B 129 11.24 -6.55 -26.15
N GLU B 130 10.38 -5.95 -26.95
CA GLU B 130 9.42 -6.72 -27.74
C GLU B 130 10.13 -7.67 -28.70
N ALA B 131 11.20 -7.20 -29.34
CA ALA B 131 11.97 -8.07 -30.22
C ALA B 131 12.60 -9.24 -29.45
N VAL B 132 13.16 -8.96 -28.29
CA VAL B 132 13.69 -10.05 -27.45
C VAL B 132 12.59 -11.05 -27.08
N LEU B 133 11.44 -10.54 -26.63
CA LEU B 133 10.39 -11.44 -26.17
C LEU B 133 9.87 -12.33 -27.30
N GLU B 134 9.81 -11.77 -28.50
CA GLU B 134 9.36 -12.56 -29.64
C GLU B 134 10.34 -13.71 -29.89
N LYS B 135 11.62 -13.42 -29.76
CA LYS B 135 12.63 -14.44 -30.03
C LYS B 135 12.55 -15.52 -28.97
N LEU B 136 12.36 -15.12 -27.71
CA LEU B 136 12.28 -16.07 -26.60
C LEU B 136 11.07 -16.99 -26.72
N GLY B 137 9.99 -16.49 -27.29
CA GLY B 137 8.84 -17.31 -27.65
C GLY B 137 7.88 -17.70 -26.53
N VAL B 138 7.97 -17.02 -25.41
CA VAL B 138 7.09 -17.30 -24.27
C VAL B 138 6.58 -16.00 -23.70
N PRO B 139 5.38 -16.02 -23.14
CA PRO B 139 4.78 -14.81 -22.58
C PRO B 139 5.52 -14.33 -21.33
N PHE B 140 5.91 -13.06 -21.32
CA PHE B 140 6.63 -12.43 -20.21
C PHE B 140 5.89 -11.19 -19.72
N GLN B 141 6.05 -10.88 -18.43
CA GLN B 141 5.75 -9.56 -17.89
C GLN B 141 7.09 -8.91 -17.53
N VAL B 142 7.27 -7.66 -17.94
CA VAL B 142 8.56 -6.99 -17.80
C VAL B 142 8.43 -5.72 -16.97
N LEU B 143 9.29 -5.58 -15.97
CA LEU B 143 9.32 -4.35 -15.17
C LEU B 143 10.68 -3.69 -15.34
N VAL B 144 10.64 -2.40 -15.64
CA VAL B 144 11.81 -1.62 -16.02
C VAL B 144 11.99 -0.43 -15.10
N ALA B 145 13.04 -0.42 -14.30
CA ALA B 145 13.31 0.70 -13.41
C ALA B 145 14.08 1.76 -14.18
N THR B 146 13.39 2.85 -14.48
CA THR B 146 13.91 3.87 -15.37
C THR B 146 14.79 4.90 -14.65
N HIS B 147 14.71 4.92 -13.32
CA HIS B 147 15.36 5.92 -12.48
C HIS B 147 16.11 5.30 -11.31
N ALA B 148 16.90 6.12 -10.61
CA ALA B 148 17.45 5.71 -9.32
C ALA B 148 16.34 5.63 -8.29
N GLY B 149 16.61 5.01 -7.14
CA GLY B 149 15.64 5.03 -6.06
C GLY B 149 14.94 3.70 -5.83
N LEU B 150 13.72 3.76 -5.29
CA LEU B 150 12.99 2.59 -4.81
C LEU B 150 12.93 1.42 -5.80
N ASN B 151 12.79 1.70 -7.09
CA ASN B 151 12.64 0.62 -8.06
C ASN B 151 13.93 0.09 -8.60
N ARG B 152 15.04 0.74 -8.28
CA ARG B 152 16.30 0.33 -8.89
C ARG B 152 16.93 -0.83 -8.12
N LYS B 153 17.05 -2.00 -8.74
CA LYS B 153 17.77 -3.10 -8.10
C LYS B 153 19.09 -2.59 -7.53
N PRO B 154 19.45 -3.03 -6.31
CA PRO B 154 18.83 -4.11 -5.56
C PRO B 154 17.64 -3.75 -4.67
N VAL B 155 17.19 -2.49 -4.64
CA VAL B 155 16.04 -2.15 -3.77
C VAL B 155 14.82 -2.91 -4.32
N SER B 156 13.85 -3.23 -3.48
CA SER B 156 12.83 -4.22 -3.84
C SER B 156 11.61 -3.63 -4.56
N GLY B 157 11.65 -2.33 -4.85
CA GLY B 157 10.49 -1.64 -5.38
C GLY B 157 9.74 -2.35 -6.50
N MET B 158 10.48 -2.90 -7.48
CA MET B 158 9.83 -3.63 -8.58
C MET B 158 9.17 -4.93 -8.12
N TRP B 159 9.82 -5.65 -7.21
CA TRP B 159 9.17 -6.86 -6.66
C TRP B 159 7.87 -6.48 -5.97
N ASP B 160 7.93 -5.42 -5.19
CA ASP B 160 6.79 -5.01 -4.38
C ASP B 160 5.64 -4.60 -5.28
N HIS B 161 5.96 -3.98 -6.42
CA HIS B 161 4.94 -3.56 -7.36
C HIS B 161 4.27 -4.76 -7.97
N LEU B 162 5.06 -5.79 -8.27
CA LEU B 162 4.53 -7.02 -8.81
C LEU B 162 3.58 -7.66 -7.81
N GLN B 163 4.04 -7.77 -6.57
CA GLN B 163 3.28 -8.43 -5.51
C GLN B 163 1.98 -7.67 -5.18
N GLU B 164 2.05 -6.35 -5.13
CA GLU B 164 0.92 -5.54 -4.68
C GLU B 164 0.00 -5.10 -5.83
N GLN B 165 0.57 -4.75 -6.97
CA GLN B 165 -0.24 -4.14 -8.02
C GLN B 165 -0.41 -5.01 -9.27
N ALA B 166 0.64 -5.73 -9.66
CA ALA B 166 0.71 -6.24 -11.03
C ALA B 166 0.48 -7.75 -11.19
N ASN B 167 -0.18 -8.37 -10.22
CA ASN B 167 -0.41 -9.81 -10.29
C ASN B 167 -1.86 -10.16 -10.03
N GLU B 168 -2.74 -9.18 -10.21
CA GLU B 168 -4.18 -9.40 -10.08
C GLU B 168 -4.55 -9.96 -8.72
N GLY B 169 -3.80 -9.56 -7.70
CA GLY B 169 -4.14 -9.89 -6.33
C GLY B 169 -3.74 -11.28 -5.89
N ILE B 170 -3.23 -12.09 -6.82
CA ILE B 170 -2.78 -13.43 -6.46
C ILE B 170 -1.50 -13.32 -5.63
N PRO B 171 -1.53 -13.80 -4.38
CA PRO B 171 -0.34 -13.74 -3.51
C PRO B 171 0.80 -14.53 -4.12
N ILE B 172 2.01 -13.99 -4.09
CA ILE B 172 3.14 -14.70 -4.64
C ILE B 172 3.98 -15.30 -3.54
N SER B 173 4.22 -16.60 -3.61
CA SER B 173 5.09 -17.27 -2.67
C SER B 173 6.57 -17.06 -2.99
N VAL B 174 7.24 -16.30 -2.13
CA VAL B 174 8.65 -16.01 -2.37
C VAL B 174 9.48 -17.29 -2.36
N GLU B 175 9.19 -18.20 -1.43
CA GLU B 175 9.97 -19.42 -1.28
C GLU B 175 9.85 -20.38 -2.48
N ASP B 176 8.73 -20.32 -3.18
CA ASP B 176 8.54 -21.13 -4.37
C ASP B 176 9.00 -20.42 -5.65
N SER B 177 9.48 -19.19 -5.50
CA SER B 177 9.91 -18.39 -6.64
C SER B 177 11.43 -18.42 -6.84
N VAL B 178 11.92 -17.71 -7.86
CA VAL B 178 13.35 -17.65 -8.12
C VAL B 178 13.73 -16.41 -8.92
N PHE B 179 14.89 -15.83 -8.61
CA PHE B 179 15.42 -14.73 -9.41
C PHE B 179 16.78 -15.10 -9.97
N VAL B 180 16.97 -14.84 -11.27
CA VAL B 180 18.20 -15.21 -11.96
C VAL B 180 18.83 -13.96 -12.59
N GLY B 181 20.10 -13.73 -12.29
CA GLY B 181 20.79 -12.57 -12.84
C GLY B 181 22.29 -12.72 -12.81
N ASP B 182 22.99 -11.95 -13.63
CA ASP B 182 24.45 -12.03 -13.70
C ASP B 182 25.17 -11.06 -12.77
N ALA B 183 24.44 -10.10 -12.20
CA ALA B 183 25.09 -9.18 -11.27
C ALA B 183 25.12 -9.82 -9.89
N ALA B 184 26.04 -10.77 -9.72
CA ALA B 184 26.00 -11.67 -8.57
C ALA B 184 27.24 -11.62 -7.68
N GLY B 185 28.03 -10.56 -7.80
CA GLY B 185 29.17 -10.36 -6.93
C GLY B 185 30.20 -11.49 -7.00
N ARG B 186 30.17 -12.24 -8.08
CA ARG B 186 31.16 -13.30 -8.29
C ARG B 186 32.59 -12.75 -8.32
N LEU B 187 33.51 -13.47 -7.68
CA LEU B 187 34.90 -13.00 -7.61
C LEU B 187 35.67 -13.25 -8.92
N ALA B 188 36.83 -12.62 -9.05
CA ALA B 188 37.70 -12.83 -10.20
C ALA B 188 38.03 -14.31 -10.36
N ASN B 189 38.24 -14.72 -11.61
CA ASN B 189 38.56 -16.11 -11.92
C ASN B 189 37.67 -17.13 -11.20
N TRP B 190 36.35 -16.93 -11.28
CA TRP B 190 35.41 -17.81 -10.60
C TRP B 190 35.12 -19.11 -11.35
N ALA B 191 35.55 -19.18 -12.61
CA ALA B 191 35.40 -20.42 -13.38
C ALA B 191 36.39 -20.38 -14.52
N PRO B 192 36.72 -21.54 -15.09
CA PRO B 192 37.59 -21.52 -16.28
C PRO B 192 36.97 -20.69 -17.40
N GLY B 193 37.74 -19.77 -17.97
CA GLY B 193 37.23 -18.91 -19.02
C GLY B 193 36.50 -17.66 -18.52
N ARG B 194 36.37 -17.53 -17.20
CA ARG B 194 35.70 -16.38 -16.60
C ARG B 194 36.66 -15.63 -15.68
N LYS B 195 37.53 -14.81 -16.28
CA LYS B 195 38.58 -14.10 -15.53
C LYS B 195 38.06 -12.96 -14.67
N LYS B 196 37.17 -12.14 -15.23
CA LYS B 196 36.73 -10.93 -14.53
C LYS B 196 35.65 -11.21 -13.50
N LYS B 197 35.76 -10.54 -12.36
CA LYS B 197 34.70 -10.55 -11.37
C LYS B 197 33.44 -9.88 -11.95
N ASP B 198 32.28 -10.13 -11.33
CA ASP B 198 31.07 -9.40 -11.70
C ASP B 198 31.25 -7.90 -11.44
N PHE B 199 30.74 -7.07 -12.33
CA PHE B 199 30.80 -5.63 -12.10
C PHE B 199 29.97 -5.23 -10.88
N SER B 200 28.91 -5.98 -10.62
CA SER B 200 27.93 -5.61 -9.60
C SER B 200 27.40 -6.83 -8.85
N CYS B 201 26.87 -6.61 -7.65
CA CYS B 201 26.18 -7.67 -6.92
C CYS B 201 24.67 -7.36 -6.86
N ALA B 202 24.20 -6.45 -7.72
CA ALA B 202 22.81 -5.96 -7.65
C ALA B 202 21.73 -7.04 -7.80
N ASP B 203 21.97 -8.01 -8.67
CA ASP B 203 20.98 -9.05 -8.83
C ASP B 203 20.87 -9.96 -7.59
N ARG B 204 22.01 -10.40 -7.07
CA ARG B 204 22.00 -11.25 -5.88
C ARG B 204 21.34 -10.51 -4.72
N LEU B 205 21.64 -9.22 -4.60
CA LEU B 205 21.16 -8.41 -3.48
C LEU B 205 19.67 -8.13 -3.61
N PHE B 206 19.20 -7.93 -4.84
CA PHE B 206 17.75 -7.84 -5.06
C PHE B 206 17.05 -9.07 -4.48
N ALA B 207 17.55 -10.26 -4.83
CA ALA B 207 16.96 -11.49 -4.31
C ALA B 207 17.08 -11.57 -2.78
N LEU B 208 18.24 -11.21 -2.27
CA LEU B 208 18.46 -11.25 -0.83
C LEU B 208 17.46 -10.34 -0.09
N ASN B 209 17.28 -9.13 -0.60
CA ASN B 209 16.35 -8.18 0.02
C ASN B 209 14.93 -8.70 0.09
N VAL B 210 14.49 -9.36 -0.99
CA VAL B 210 13.12 -9.90 -1.10
C VAL B 210 12.98 -11.23 -0.36
N GLY B 211 14.05 -12.00 -0.36
CA GLY B 211 14.02 -13.33 0.21
C GLY B 211 13.87 -14.39 -0.87
N LEU B 212 14.11 -14.00 -2.12
CA LEU B 212 14.02 -14.93 -3.24
C LEU B 212 15.24 -15.83 -3.34
N PRO B 213 15.01 -17.13 -3.60
CA PRO B 213 16.14 -17.98 -4.02
C PRO B 213 16.81 -17.37 -5.24
N PHE B 214 18.13 -17.51 -5.34
CA PHE B 214 18.87 -16.82 -6.38
C PHE B 214 19.79 -17.78 -7.13
N ALA B 215 19.95 -17.54 -8.44
CA ALA B 215 20.96 -18.26 -9.21
C ALA B 215 21.51 -17.36 -10.29
N THR B 216 22.76 -17.61 -10.68
CA THR B 216 23.34 -16.96 -11.84
C THR B 216 22.82 -17.66 -13.10
N PRO B 217 23.02 -17.05 -14.28
CA PRO B 217 22.52 -17.67 -15.51
C PRO B 217 23.23 -19.01 -15.80
N GLU B 218 24.52 -19.10 -15.48
CA GLU B 218 25.24 -20.35 -15.69
C GLU B 218 24.76 -21.44 -14.73
N GLU B 219 24.63 -21.09 -13.46
CA GLU B 219 24.07 -22.03 -12.49
C GLU B 219 22.68 -22.49 -12.92
N PHE B 220 21.86 -21.55 -13.38
CA PHE B 220 20.45 -21.83 -13.64
C PHE B 220 20.22 -22.57 -14.96
N PHE B 221 20.75 -22.02 -16.04
CA PHE B 221 20.49 -22.57 -17.37
C PHE B 221 21.47 -23.70 -17.73
N LEU B 222 22.70 -23.60 -17.25
CA LEU B 222 23.74 -24.56 -17.63
C LEU B 222 24.09 -25.56 -16.51
N LYS B 223 23.45 -25.41 -15.36
CA LYS B 223 23.69 -26.28 -14.22
C LYS B 223 25.16 -26.32 -13.79
N TRP B 224 25.83 -25.20 -13.93
CA TRP B 224 27.16 -25.04 -13.36
C TRP B 224 27.07 -25.04 -11.84
N PRO B 225 28.12 -25.50 -11.16
CA PRO B 225 28.23 -25.41 -9.69
C PRO B 225 28.16 -23.96 -9.24
N ALA B 226 27.74 -23.73 -8.00
CA ALA B 226 27.71 -22.37 -7.45
C ALA B 226 29.08 -21.72 -7.49
N ALA B 227 29.14 -20.52 -8.03
CA ALA B 227 30.39 -19.78 -8.11
C ALA B 227 30.67 -19.05 -6.79
N ARG B 228 31.95 -18.76 -6.55
CA ARG B 228 32.34 -17.96 -5.39
C ARG B 228 31.91 -16.50 -5.61
N PHE B 229 31.41 -15.88 -4.54
CA PHE B 229 30.93 -14.51 -4.63
C PHE B 229 31.16 -13.83 -3.29
N GLU B 230 31.01 -12.51 -3.27
CA GLU B 230 30.97 -11.77 -2.02
C GLU B 230 29.86 -10.74 -2.06
N LEU B 231 29.30 -10.45 -0.89
CA LEU B 231 28.39 -9.32 -0.73
C LEU B 231 29.22 -8.09 -0.40
N PRO B 232 28.63 -6.89 -0.53
CA PRO B 232 29.35 -5.68 -0.15
C PRO B 232 29.77 -5.78 1.30
N ALA B 233 30.89 -5.17 1.63
CA ALA B 233 31.44 -5.25 2.97
C ALA B 233 30.46 -4.61 3.97
N PHE B 234 29.72 -3.60 3.53
CA PHE B 234 28.73 -2.98 4.40
C PHE B 234 27.38 -3.66 4.23
N ASP B 235 26.90 -4.28 5.30
CA ASP B 235 25.68 -5.05 5.27
C ASP B 235 24.66 -4.37 6.17
N PRO B 236 23.62 -3.76 5.58
CA PRO B 236 22.69 -2.97 6.40
C PRO B 236 21.88 -3.85 7.35
N ARG B 237 21.90 -5.15 7.13
CA ARG B 237 21.19 -6.08 8.03
C ARG B 237 21.91 -6.20 9.37
N THR B 238 23.19 -5.87 9.40
CA THR B 238 24.00 -6.08 10.60
C THR B 238 24.10 -4.84 11.50
N ILE B 239 23.50 -3.74 11.08
CA ILE B 239 23.53 -2.52 11.90
C ILE B 239 22.76 -2.75 13.20
N SER B 240 23.44 -2.54 14.32
CA SER B 240 22.89 -2.90 15.63
C SER B 240 22.49 -1.71 16.48
N SER B 241 21.43 -1.88 17.26
CA SER B 241 21.01 -0.85 18.20
CA SER B 241 21.01 -0.85 18.20
C SER B 241 21.68 -1.05 19.57
N ALA B 242 22.69 -1.91 19.62
CA ALA B 242 23.35 -2.23 20.88
C ALA B 242 24.40 -1.21 21.30
N GLY B 243 24.70 -1.19 22.60
CA GLY B 243 25.80 -0.39 23.11
C GLY B 243 25.41 1.02 23.48
N PRO B 244 26.41 1.82 23.87
CA PRO B 244 26.20 3.15 24.45
C PRO B 244 25.76 4.17 23.41
N LEU B 245 25.04 5.19 23.84
CA LEU B 245 24.62 6.26 22.95
C LEU B 245 25.81 7.13 22.55
N TYR B 246 26.76 7.26 23.47
CA TYR B 246 27.93 8.10 23.26
C TYR B 246 29.09 7.64 24.13
N LEU B 247 30.29 8.10 23.80
CA LEU B 247 31.49 7.79 24.55
C LEU B 247 32.27 9.05 24.87
N PRO B 248 32.90 9.10 26.06
CA PRO B 248 32.89 8.08 27.12
C PRO B 248 31.58 8.11 27.92
N GLU B 249 31.18 6.95 28.44
CA GLU B 249 29.94 6.85 29.19
C GLU B 249 29.97 7.64 30.49
N SER B 250 31.17 7.95 31.00
CA SER B 250 31.29 8.76 32.20
C SER B 250 30.79 10.19 32.00
N SER B 251 30.80 10.65 30.75
CA SER B 251 30.40 12.02 30.45
C SER B 251 28.89 12.15 30.40
N SER B 252 28.42 13.39 30.37
CA SER B 252 27.00 13.67 30.22
C SER B 252 26.74 14.27 28.86
N LEU B 253 25.74 13.76 28.17
CA LEU B 253 25.41 14.25 26.84
C LEU B 253 25.07 15.73 26.88
N LEU B 254 24.31 16.14 27.89
CA LEU B 254 23.82 17.51 27.99
C LEU B 254 24.60 18.37 28.98
N SER B 255 24.47 19.67 28.84
CA SER B 255 24.90 20.62 29.85
C SER B 255 23.70 21.45 30.29
N PRO B 256 23.55 21.63 31.60
CA PRO B 256 22.48 22.49 32.16
C PRO B 256 22.68 23.95 31.77
N ASN B 257 23.93 24.33 31.51
CA ASN B 257 24.29 25.73 31.27
C ASN B 257 24.65 26.02 29.82
N PRO B 258 24.67 27.31 29.44
CA PRO B 258 25.02 27.70 28.07
C PRO B 258 26.37 27.12 27.63
N GLU B 259 26.40 26.70 26.37
CA GLU B 259 27.60 26.16 25.74
C GLU B 259 27.37 26.09 24.24
N VAL B 260 28.43 25.85 23.49
CA VAL B 260 28.30 25.53 22.09
C VAL B 260 28.72 24.08 21.87
N VAL B 261 27.84 23.31 21.23
CA VAL B 261 28.21 21.99 20.76
C VAL B 261 28.46 22.04 19.26
N VAL B 262 29.62 21.56 18.84
CA VAL B 262 29.95 21.48 17.41
C VAL B 262 29.88 20.03 16.90
N ALA B 263 28.95 19.76 15.98
CA ALA B 263 28.87 18.44 15.38
C ALA B 263 29.89 18.25 14.26
N VAL B 264 30.38 17.01 14.13
CA VAL B 264 31.29 16.63 13.05
C VAL B 264 30.83 15.30 12.48
N GLY B 265 30.84 15.18 11.15
CA GLY B 265 30.48 13.92 10.52
C GLY B 265 30.13 14.03 9.05
N PHE B 266 30.24 12.91 8.33
CA PHE B 266 29.86 12.86 6.91
C PHE B 266 28.45 13.39 6.73
N PRO B 267 28.13 13.92 5.55
CA PRO B 267 26.72 14.02 5.20
C PRO B 267 26.13 12.61 5.29
N GLY B 268 25.00 12.45 5.98
CA GLY B 268 24.38 11.14 6.12
C GLY B 268 24.79 10.38 7.38
N ALA B 269 25.63 10.98 8.22
CA ALA B 269 26.07 10.34 9.46
C ALA B 269 24.94 10.23 10.49
N GLY B 270 23.91 11.03 10.31
CA GLY B 270 22.78 11.04 11.23
C GLY B 270 22.82 12.21 12.21
N LYS B 271 23.52 13.29 11.83
CA LYS B 271 23.73 14.42 12.74
C LYS B 271 22.42 15.11 13.12
N SER B 272 21.66 15.54 12.13
CA SER B 272 20.43 16.27 12.39
C SER B 272 19.43 15.44 13.19
N THR B 273 19.30 14.17 12.82
CA THR B 273 18.39 13.26 13.52
C THR B 273 18.78 13.14 14.99
N PHE B 274 20.05 12.85 15.26
CA PHE B 274 20.54 12.72 16.63
C PHE B 274 20.26 13.99 17.44
N ILE B 275 20.53 15.14 16.82
CA ILE B 275 20.36 16.42 17.48
C ILE B 275 18.89 16.63 17.81
N GLN B 276 18.04 16.31 16.86
CA GLN B 276 16.60 16.44 17.06
C GLN B 276 16.13 15.56 18.22
N GLU B 277 16.63 14.33 18.27
CA GLU B 277 16.19 13.37 19.28
C GLU B 277 16.67 13.76 20.68
N HIS B 278 17.94 14.14 20.80
CA HIS B 278 18.54 14.30 22.12
C HIS B 278 18.82 15.73 22.58
N LEU B 279 18.98 16.66 21.66
CA LEU B 279 19.40 18.00 22.08
C LEU B 279 18.26 18.99 22.03
N VAL B 280 17.56 19.03 20.89
CA VAL B 280 16.39 19.88 20.76
C VAL B 280 15.35 19.51 21.81
N SER B 281 15.21 18.22 22.09
CA SER B 281 14.24 17.79 23.10
C SER B 281 14.64 18.30 24.49
N ALA B 282 15.90 18.72 24.63
CA ALA B 282 16.40 19.20 25.91
C ALA B 282 16.39 20.73 25.99
N GLY B 283 16.05 21.38 24.88
CA GLY B 283 16.03 22.83 24.86
C GLY B 283 17.16 23.51 24.11
N TYR B 284 18.05 22.73 23.50
CA TYR B 284 19.11 23.31 22.68
C TYR B 284 18.55 23.99 21.44
N VAL B 285 19.18 25.10 21.07
CA VAL B 285 18.93 25.72 19.78
C VAL B 285 19.68 24.96 18.70
N HIS B 286 18.96 24.49 17.70
CA HIS B 286 19.54 23.71 16.59
C HIS B 286 19.92 24.63 15.42
N VAL B 287 21.21 24.87 15.26
CA VAL B 287 21.71 25.66 14.15
C VAL B 287 22.07 24.74 12.98
N ASN B 288 21.16 24.63 12.03
CA ASN B 288 21.28 23.60 11.00
C ASN B 288 21.73 24.18 9.67
N ARG B 289 22.96 23.88 9.26
CA ARG B 289 23.48 24.35 7.98
C ARG B 289 22.54 23.96 6.83
N ASP B 290 21.91 22.80 6.94
CA ASP B 290 20.99 22.31 5.91
C ASP B 290 19.95 23.38 5.56
N THR B 291 19.38 23.98 6.60
CA THR B 291 18.32 24.97 6.39
C THR B 291 18.79 26.43 6.36
N LEU B 292 20.00 26.70 6.83
CA LEU B 292 20.48 28.09 6.91
C LEU B 292 21.18 28.54 5.64
N GLY B 293 21.58 27.60 4.81
CA GLY B 293 22.12 27.92 3.49
C GLY B 293 23.57 28.39 3.43
N SER B 294 24.17 28.71 4.57
CA SER B 294 25.60 29.01 4.58
C SER B 294 26.19 28.79 5.98
N TRP B 295 27.50 28.56 6.05
CA TRP B 295 28.17 28.47 7.35
C TRP B 295 28.20 29.84 8.03
N GLN B 296 28.29 30.91 7.24
CA GLN B 296 28.23 32.27 7.79
C GLN B 296 26.95 32.50 8.59
N ARG B 297 25.83 32.01 8.09
CA ARG B 297 24.57 32.10 8.85
C ARG B 297 24.60 31.20 10.10
N CYS B 298 25.35 30.10 10.03
CA CYS B 298 25.49 29.25 11.20
C CYS B 298 26.21 30.03 12.28
N VAL B 299 27.26 30.74 11.89
CA VAL B 299 28.03 31.55 12.84
C VAL B 299 27.16 32.63 13.49
N SER B 300 26.43 33.37 12.67
CA SER B 300 25.65 34.48 13.21
C SER B 300 24.51 33.96 14.08
N SER B 301 23.89 32.87 13.66
CA SER B 301 22.83 32.26 14.45
CA SER B 301 22.83 32.26 14.45
C SER B 301 23.38 31.80 15.79
N CYS B 302 24.58 31.22 15.78
CA CYS B 302 25.24 30.78 17.00
C CYS B 302 25.44 31.96 17.96
N GLN B 303 26.01 33.05 17.44
CA GLN B 303 26.26 34.24 18.26
C GLN B 303 24.95 34.77 18.83
N ALA B 304 23.92 34.83 17.99
CA ALA B 304 22.60 35.31 18.42
C ALA B 304 22.04 34.48 19.57
N ALA B 305 22.14 33.16 19.46
CA ALA B 305 21.61 32.27 20.47
C ALA B 305 22.35 32.40 21.80
N LEU B 306 23.68 32.45 21.74
CA LEU B 306 24.48 32.67 22.96
C LEU B 306 24.10 34.00 23.61
N ARG B 307 23.91 35.03 22.81
CA ARG B 307 23.51 36.34 23.33
C ARG B 307 22.19 36.22 24.08
N GLN B 308 21.36 35.27 23.67
CA GLN B 308 20.09 35.02 24.34
C GLN B 308 20.23 34.08 25.57
N GLY B 309 21.46 33.74 25.92
CA GLY B 309 21.71 32.83 27.03
C GLY B 309 21.32 31.37 26.79
N LYS B 310 21.25 30.99 25.51
CA LYS B 310 20.82 29.66 25.11
C LYS B 310 21.96 28.64 25.08
N ARG B 311 21.60 27.36 25.03
CA ARG B 311 22.57 26.33 24.67
C ARG B 311 22.40 26.07 23.18
N VAL B 312 23.52 25.95 22.49
CA VAL B 312 23.47 25.90 21.04
C VAL B 312 24.27 24.71 20.49
N VAL B 313 23.75 24.07 19.44
CA VAL B 313 24.49 23.04 18.73
C VAL B 313 24.61 23.36 17.25
N ILE B 314 25.83 23.27 16.73
CA ILE B 314 26.11 23.58 15.34
C ILE B 314 26.04 22.30 14.52
N ASP B 315 25.05 22.24 13.65
CA ASP B 315 24.83 21.05 12.81
C ASP B 315 25.40 21.33 11.41
N ASN B 316 26.62 20.88 11.19
CA ASN B 316 27.28 20.94 9.89
C ASN B 316 28.29 19.80 9.81
N THR B 317 28.91 19.59 8.64
CA THR B 317 29.90 18.52 8.50
C THR B 317 31.17 18.80 9.31
N ASN B 318 31.62 20.04 9.28
CA ASN B 318 32.80 20.50 10.02
C ASN B 318 34.00 19.55 9.99
N PRO B 319 34.43 19.15 8.78
CA PRO B 319 35.51 18.16 8.71
C PRO B 319 36.90 18.70 9.09
N ASP B 320 37.09 20.01 9.00
CA ASP B 320 38.42 20.63 9.04
C ASP B 320 38.59 21.50 10.27
N VAL B 321 39.84 21.73 10.66
CA VAL B 321 40.13 22.53 11.85
C VAL B 321 39.59 23.98 11.77
N PRO B 322 39.77 24.64 10.62
CA PRO B 322 39.30 26.03 10.53
C PRO B 322 37.79 26.18 10.68
N SER B 323 37.01 25.30 10.06
CA SER B 323 35.57 25.39 10.22
C SER B 323 35.17 25.35 11.70
N ARG B 324 35.71 24.38 12.43
CA ARG B 324 35.40 24.20 13.84
C ARG B 324 35.89 25.38 14.68
N ALA B 325 37.00 25.96 14.25
CA ALA B 325 37.67 27.02 15.00
C ALA B 325 36.77 28.23 15.21
N ARG B 326 35.94 28.54 14.22
CA ARG B 326 35.04 29.68 14.31
C ARG B 326 34.03 29.54 15.44
N TYR B 327 33.47 28.34 15.60
CA TYR B 327 32.50 28.14 16.67
C TYR B 327 33.17 28.15 18.04
N ILE B 328 34.37 27.59 18.13
CA ILE B 328 35.13 27.64 19.37
C ILE B 328 35.32 29.11 19.77
N GLN B 329 35.73 29.93 18.81
CA GLN B 329 35.89 31.37 19.04
C GLN B 329 34.59 32.04 19.52
N CYS B 330 33.46 31.66 18.91
CA CYS B 330 32.17 32.18 19.35
C CYS B 330 31.89 31.82 20.80
N ALA B 331 32.27 30.61 21.18
CA ALA B 331 32.09 30.16 22.54
C ALA B 331 32.93 31.06 23.44
N LYS B 332 34.17 31.29 23.02
CA LYS B 332 35.11 32.11 23.79
C LYS B 332 34.57 33.52 23.97
N ASP B 333 34.16 34.13 22.87
CA ASP B 333 33.61 35.47 22.92
C ASP B 333 32.49 35.56 23.96
N ALA B 334 31.72 34.48 24.08
CA ALA B 334 30.58 34.50 24.98
C ALA B 334 30.96 34.02 26.36
N GLY B 335 32.20 33.59 26.52
CA GLY B 335 32.65 33.03 27.77
C GLY B 335 31.87 31.78 28.15
N VAL B 336 31.64 30.90 27.18
CA VAL B 336 31.02 29.62 27.48
C VAL B 336 31.86 28.49 26.91
N PRO B 337 31.70 27.28 27.46
CA PRO B 337 32.46 26.11 27.00
C PRO B 337 32.02 25.68 25.59
N CYS B 338 32.92 25.03 24.87
CA CYS B 338 32.59 24.52 23.56
C CYS B 338 32.93 23.04 23.51
N ARG B 339 31.95 22.21 23.19
CA ARG B 339 32.18 20.77 23.11
C ARG B 339 32.02 20.31 21.67
N CYS B 340 32.62 19.17 21.35
CA CYS B 340 32.46 18.56 20.04
C CYS B 340 31.72 17.23 20.15
N PHE B 341 30.70 17.05 19.31
CA PHE B 341 30.12 15.72 19.12
C PHE B 341 30.68 15.17 17.83
N ASN B 342 31.49 14.13 17.96
CA ASN B 342 32.15 13.55 16.80
C ASN B 342 31.37 12.33 16.33
N PHE B 343 30.61 12.47 15.26
CA PHE B 343 29.78 11.37 14.77
C PHE B 343 30.58 10.34 13.99
N CYS B 344 30.59 9.09 14.48
CA CYS B 344 31.50 8.07 13.99
C CYS B 344 31.10 7.32 12.72
N ALA B 345 29.92 7.61 12.19
CA ALA B 345 29.43 6.86 11.04
C ALA B 345 30.52 6.75 9.96
N THR B 346 30.70 5.54 9.42
CA THR B 346 31.68 5.33 8.37
C THR B 346 31.13 5.87 7.07
N ILE B 347 32.00 6.00 6.07
CA ILE B 347 31.55 6.52 4.79
C ILE B 347 30.48 5.61 4.17
N GLU B 348 30.56 4.30 4.36
N GLU B 348 30.61 4.31 4.39
CA GLU B 348 29.56 3.42 3.75
CA GLU B 348 29.67 3.32 3.85
C GLU B 348 28.25 3.44 4.53
C GLU B 348 28.30 3.46 4.53
N GLN B 349 28.34 3.58 5.85
CA GLN B 349 27.14 3.80 6.64
C GLN B 349 26.44 5.08 6.20
N ALA B 350 27.23 6.14 5.99
CA ALA B 350 26.67 7.43 5.58
C ALA B 350 26.06 7.39 4.19
N ARG B 351 26.74 6.73 3.24
CA ARG B 351 26.23 6.64 1.86
C ARG B 351 24.92 5.86 1.84
N HIS B 352 24.85 4.81 2.66
CA HIS B 352 23.63 4.02 2.78
C HIS B 352 22.48 4.91 3.29
N ASN B 353 22.77 5.70 4.33
CA ASN B 353 21.77 6.60 4.87
C ASN B 353 21.34 7.64 3.85
N ASN B 354 22.29 8.13 3.07
CA ASN B 354 21.97 9.13 2.05
C ASN B 354 21.03 8.57 0.99
N ARG B 355 21.31 7.36 0.51
CA ARG B 355 20.42 6.72 -0.46
C ARG B 355 19.03 6.49 0.13
N PHE B 356 18.99 6.05 1.38
CA PHE B 356 17.71 5.88 2.07
C PHE B 356 16.97 7.21 2.15
N ARG B 357 17.64 8.27 2.61
CA ARG B 357 17.02 9.59 2.71
C ARG B 357 16.44 10.02 1.36
N GLU B 358 17.22 9.81 0.30
CA GLU B 358 16.77 10.13 -1.05
C GLU B 358 15.47 9.42 -1.40
N MET B 359 15.30 8.21 -0.89
CA MET B 359 14.10 7.42 -1.21
C MET B 359 12.90 7.75 -0.31
N THR B 360 13.14 8.43 0.79
CA THR B 360 12.07 8.65 1.76
C THR B 360 11.78 10.13 2.04
N ASP B 361 12.72 10.98 1.66
CA ASP B 361 12.65 12.40 1.99
C ASP B 361 12.86 13.23 0.73
N PRO B 362 11.78 13.49 -0.02
CA PRO B 362 11.79 14.23 -1.29
C PRO B 362 12.30 15.65 -1.13
N SER B 363 12.03 16.25 0.02
CA SER B 363 12.43 17.63 0.26
C SER B 363 13.94 17.80 0.15
N HIS B 364 14.69 16.77 0.50
CA HIS B 364 16.15 16.87 0.58
C HIS B 364 16.85 16.60 -0.75
N ALA B 365 17.97 17.29 -0.95
CA ALA B 365 18.75 17.18 -2.17
C ALA B 365 19.81 16.09 -2.05
N PRO B 366 20.04 15.34 -3.14
CA PRO B 366 20.97 14.20 -3.21
C PRO B 366 22.42 14.58 -2.93
N VAL B 367 23.16 13.65 -2.35
CA VAL B 367 24.57 13.87 -2.02
C VAL B 367 25.42 12.93 -2.85
N SER B 368 26.24 13.48 -3.74
CA SER B 368 27.03 12.64 -4.63
C SER B 368 28.21 11.99 -3.91
N ASP B 369 28.73 10.93 -4.52
CA ASP B 369 29.97 10.33 -4.04
C ASP B 369 31.06 11.39 -3.96
N MET B 370 31.10 12.31 -4.93
CA MET B 370 32.14 13.35 -4.98
C MET B 370 32.12 14.26 -3.75
N VAL B 371 30.92 14.65 -3.31
CA VAL B 371 30.80 15.38 -2.07
C VAL B 371 31.32 14.54 -0.90
N MET B 372 31.03 13.24 -0.91
CA MET B 372 31.47 12.36 0.17
C MET B 372 33.00 12.17 0.18
N PHE B 373 33.60 12.04 -1.00
CA PHE B 373 35.04 11.87 -1.10
C PHE B 373 35.76 13.16 -0.75
N SER B 374 35.12 14.28 -1.04
CA SER B 374 35.65 15.59 -0.66
C SER B 374 35.68 15.73 0.87
N TYR B 375 34.60 15.34 1.54
CA TYR B 375 34.61 15.32 3.00
C TYR B 375 35.78 14.45 3.50
N ARG B 376 35.92 13.28 2.91
CA ARG B 376 36.91 12.31 3.38
C ARG B 376 38.30 12.91 3.20
N LYS B 377 38.50 13.56 2.06
CA LYS B 377 39.76 14.23 1.75
C LYS B 377 40.08 15.28 2.81
N GLN B 378 39.06 16.03 3.21
CA GLN B 378 39.25 17.17 4.10
C GLN B 378 39.34 16.79 5.57
N PHE B 379 38.88 15.59 5.92
CA PHE B 379 38.61 15.28 7.31
C PHE B 379 39.85 15.26 8.19
N GLU B 380 39.83 16.04 9.26
CA GLU B 380 40.86 16.02 10.30
C GLU B 380 40.19 15.72 11.63
N PRO B 381 40.60 14.64 12.29
CA PRO B 381 39.98 14.26 13.57
C PRO B 381 39.96 15.42 14.56
N PRO B 382 38.81 15.68 15.17
CA PRO B 382 38.74 16.70 16.23
C PRO B 382 39.68 16.31 17.38
N THR B 383 40.43 17.29 17.89
CA THR B 383 41.24 17.05 19.08
C THR B 383 41.05 18.19 20.07
N LEU B 384 41.47 17.96 21.32
CA LEU B 384 41.33 18.96 22.36
C LEU B 384 42.30 20.12 22.15
N ALA B 385 43.30 19.90 21.31
CA ALA B 385 44.25 20.98 21.00
C ALA B 385 43.54 22.17 20.33
N GLU B 386 42.38 21.93 19.74
CA GLU B 386 41.59 23.01 19.13
C GLU B 386 40.93 23.91 20.17
N GLY B 387 40.73 23.39 21.37
CA GLY B 387 40.16 24.19 22.44
C GLY B 387 38.81 23.71 22.94
N PHE B 388 38.36 22.56 22.45
CA PHE B 388 37.13 21.96 22.95
C PHE B 388 37.30 21.59 24.41
N LEU B 389 36.28 21.88 25.22
CA LEU B 389 36.26 21.45 26.61
C LEU B 389 36.33 19.93 26.67
N GLU B 390 35.53 19.27 25.84
CA GLU B 390 35.58 17.83 25.71
C GLU B 390 34.99 17.41 24.37
N ILE B 391 35.35 16.22 23.90
CA ILE B 391 34.82 15.67 22.66
C ILE B 391 34.10 14.37 22.97
N LEU B 392 32.84 14.28 22.57
CA LEU B 392 32.14 13.01 22.70
C LEU B 392 32.12 12.30 21.37
N GLU B 393 32.41 11.01 21.36
CA GLU B 393 32.24 10.20 20.15
C GLU B 393 30.84 9.62 20.10
N ILE B 394 30.14 9.83 19.00
CA ILE B 394 28.80 9.29 18.83
C ILE B 394 28.84 8.10 17.87
N PRO B 395 28.74 6.88 18.40
CA PRO B 395 28.74 5.69 17.53
C PRO B 395 27.50 5.69 16.65
N PHE B 396 27.56 5.09 15.47
CA PHE B 396 26.32 4.95 14.72
C PHE B 396 25.50 3.80 15.31
N ARG B 397 24.59 4.14 16.20
CA ARG B 397 23.71 3.15 16.80
C ARG B 397 22.36 3.15 16.08
N LEU B 398 21.94 2.00 15.57
CA LEU B 398 20.64 1.89 14.93
C LEU B 398 19.52 2.41 15.84
N GLN B 399 18.68 3.28 15.29
CA GLN B 399 17.46 3.74 15.96
C GLN B 399 16.37 3.51 14.93
N GLU B 400 15.58 2.46 15.14
CA GLU B 400 14.69 1.98 14.10
CA GLU B 400 14.68 1.96 14.11
C GLU B 400 13.62 2.99 13.68
N HIS B 401 13.32 2.99 12.39
CA HIS B 401 12.34 3.92 11.85
C HIS B 401 10.95 3.54 12.33
N LEU B 402 10.14 4.54 12.67
CA LEU B 402 8.87 4.29 13.35
C LEU B 402 7.77 3.76 12.42
N ASP B 403 7.93 3.98 11.12
CA ASP B 403 7.06 3.37 10.12
C ASP B 403 7.69 2.04 9.66
N PRO B 404 7.02 0.91 9.92
CA PRO B 404 7.64 -0.40 9.62
C PRO B 404 8.00 -0.59 8.14
N ALA B 405 7.25 0.04 7.24
CA ALA B 405 7.58 -0.05 5.81
C ALA B 405 8.91 0.63 5.52
N LEU B 406 9.20 1.71 6.24
CA LEU B 406 10.46 2.44 6.06
C LEU B 406 11.59 1.69 6.75
N GLN B 407 11.29 1.07 7.89
CA GLN B 407 12.31 0.26 8.57
C GLN B 407 12.73 -0.93 7.69
N ARG B 408 11.74 -1.55 7.03
CA ARG B 408 12.00 -2.63 6.06
C ARG B 408 12.93 -2.15 4.96
N LEU B 409 12.59 -1.01 4.38
CA LEU B 409 13.43 -0.38 3.36
C LEU B 409 14.83 -0.10 3.87
N TYR B 410 14.92 0.35 5.12
CA TYR B 410 16.20 0.77 5.67
C TYR B 410 17.19 -0.40 5.74
N ARG B 411 16.66 -1.60 5.93
CA ARG B 411 17.45 -2.83 6.06
C ARG B 411 17.92 -3.39 4.73
N GLN B 412 17.43 -2.84 3.62
CA GLN B 412 17.81 -3.32 2.29
C GLN B 412 19.14 -2.78 1.78
N PHE B 413 19.94 -3.66 1.17
CA PHE B 413 21.06 -3.22 0.37
C PHE B 413 20.47 -2.31 -0.68
N SER B 414 21.05 -1.14 -0.85
CA SER B 414 20.51 -0.19 -1.82
C SER B 414 21.52 0.13 -2.93
N GLU B 415 22.67 -0.54 -2.91
CA GLU B 415 23.69 -0.34 -3.93
C GLU B 415 24.26 -1.70 -4.39
N GLY B 416 24.37 -1.90 -5.69
CA GLY B 416 24.99 -3.10 -6.22
C GLY B 416 26.50 -3.18 -6.00
PB ADP E . -19.71 -10.52 14.27
O1B ADP E . -19.68 -11.16 12.91
O2B ADP E . -18.55 -10.94 15.12
O3B ADP E . -21.05 -10.52 14.98
PA ADP E . -17.94 -8.19 13.98
O1A ADP E . -17.55 -7.86 15.41
O2A ADP E . -17.00 -8.95 13.08
O3A ADP E . -19.39 -8.94 13.96
O5' ADP E . -18.30 -6.80 13.27
C5' ADP E . -18.65 -6.78 11.87
C4' ADP E . -18.08 -5.50 11.26
O4' ADP E . -18.74 -4.35 11.78
C3' ADP E . -16.62 -5.37 11.63
O3' ADP E . -15.95 -4.86 10.48
C2' ADP E . -16.61 -4.34 12.75
O2' ADP E . -15.45 -3.51 12.73
C1' ADP E . -17.83 -3.51 12.49
N9 ADP E . -18.52 -3.16 13.75
C8 ADP E . -18.95 -4.04 14.67
N7 ADP E . -19.55 -3.40 15.70
C5 ADP E . -19.51 -2.10 15.44
C6 ADP E . -19.98 -0.87 16.13
N6 ADP E . -20.62 -0.93 17.32
N1 ADP E . -19.73 0.30 15.50
C2 ADP E . -19.10 0.38 14.31
N3 ADP E . -18.65 -0.70 13.65
C4 ADP E . -18.82 -1.93 14.16
N1 EPE F . -20.44 -20.50 11.80
C2 EPE F . -21.52 -19.51 11.79
C3 EPE F . -20.90 -18.11 11.65
N4 EPE F . -19.94 -18.08 10.56
C5 EPE F . -19.87 -19.26 9.73
C6 EPE F . -19.67 -20.52 10.56
C7 EPE F . -19.60 -16.80 9.94
C8 EPE F . -19.45 -15.67 10.95
O8 EPE F . -18.09 -15.46 11.26
C9 EPE F . -20.93 -21.86 12.08
C10 EPE F . -21.97 -21.89 13.18
S EPE F . -21.71 -23.38 14.20
O1S EPE F . -20.50 -23.20 15.01
O2S EPE F . -21.54 -24.54 13.36
O3S EPE F . -22.88 -23.58 15.06
MG MG G . -24.96 0.68 -15.98
MG MG H . -17.08 -12.48 14.91
C1 GOL I . -33.05 16.04 -26.94
O1 GOL I . -31.95 16.72 -27.52
C2 GOL I . -33.96 17.08 -26.30
O2 GOL I . -33.25 17.82 -25.33
C3 GOL I . -35.19 16.42 -25.68
O3 GOL I . -35.01 15.02 -25.56
C1 GOL J . -19.23 -4.34 -0.83
O1 GOL J . -18.15 -3.62 -0.29
C2 GOL J . -19.33 -4.11 -2.33
O2 GOL J . -18.45 -4.92 -3.08
C3 GOL J . -19.17 -2.64 -2.68
O3 GOL J . -20.12 -2.33 -3.65
C1 GOL K . -19.80 0.54 -32.83
O1 GOL K . -19.21 1.73 -33.34
C2 GOL K . -18.85 -0.62 -33.12
O2 GOL K . -18.91 -0.98 -34.48
C3 GOL K . -19.25 -1.83 -32.28
O3 GOL K . -18.37 -2.88 -32.58
C1 GOL L . -11.20 18.92 -19.73
O1 GOL L . -10.04 19.67 -20.07
C2 GOL L . -11.38 17.80 -20.74
O2 GOL L . -12.42 16.94 -20.31
C3 GOL L . -10.07 17.02 -20.97
O3 GOL L . -9.78 16.12 -19.91
PB ADP M . 22.92 14.15 8.51
O1B ADP M . 24.22 13.84 9.23
O2B ADP M . 23.09 14.37 7.03
O3B ADP M . 22.14 15.18 9.27
PA ADP M . 20.46 12.70 8.89
O1A ADP M . 20.14 13.00 10.34
O2A ADP M . 19.77 13.51 7.82
O3A ADP M . 22.07 12.78 8.67
O5' ADP M . 20.22 11.14 8.56
C5' ADP M . 20.45 10.59 7.26
C4' ADP M . 19.48 9.43 7.05
O4' ADP M . 19.76 8.36 7.95
C3' ADP M . 18.05 9.86 7.35
O3' ADP M . 17.17 9.21 6.44
C2' ADP M . 17.77 9.37 8.76
O2' ADP M . 16.40 9.06 8.96
C1' ADP M . 18.66 8.14 8.85
N9 ADP M . 19.23 7.92 10.20
C8 ADP M . 19.93 8.82 10.92
N7 ADP M . 20.33 8.29 12.10
C5 ADP M . 19.88 7.02 12.14
C6 ADP M . 19.95 5.89 13.10
N6 ADP M . 20.59 6.03 14.27
N1 ADP M . 19.35 4.72 12.75
C2 ADP M . 18.69 4.58 11.58
N3 ADP M . 18.59 5.56 10.66
C4 ADP M . 19.15 6.78 10.88
N1 EPE N . 27.81 21.29 2.88
C2 EPE N . 26.69 21.41 1.93
C3 EPE N . 26.12 20.03 1.58
N4 EPE N . 25.78 19.28 2.78
C5 EPE N . 26.75 19.31 3.86
C6 EPE N . 27.28 20.72 4.11
C7 EPE N . 24.88 18.14 2.66
C8 EPE N . 24.28 17.69 3.99
O8 EPE N . 22.90 18.02 4.04
C9 EPE N . 28.33 22.64 3.14
C10 EPE N . 29.43 22.65 4.20
S EPE N . 29.95 24.35 4.59
O1S EPE N . 31.02 24.34 5.61
O2S EPE N . 28.80 25.09 5.12
O3S EPE N . 30.45 25.01 3.39
MG MG O . 22.64 -7.88 -15.99
MG MG P . 21.53 17.17 8.32
C1 GOL Q . 26.17 -1.86 0.66
O1 GOL Q . 27.22 -0.92 0.45
C2 GOL Q . 24.89 -1.27 0.08
O2 GOL Q . 24.24 -2.16 -0.83
C3 GOL Q . 24.01 -0.88 1.26
O3 GOL Q . 22.93 -0.11 0.82
C1 GOL R . 13.33 -3.04 -32.79
O1 GOL R . 12.86 -3.89 -33.81
C2 GOL R . 14.83 -3.24 -32.61
O2 GOL R . 15.28 -2.33 -31.64
C3 GOL R . 15.21 -4.67 -32.23
O3 GOL R . 16.07 -4.67 -31.10
C1 GOL S . 20.56 -9.67 -34.02
O1 GOL S . 21.66 -10.56 -33.94
C2 GOL S . 19.52 -10.04 -32.96
O2 GOL S . 19.41 -11.45 -32.82
C3 GOL S . 18.22 -9.33 -33.28
O3 GOL S . 18.54 -8.13 -33.97
C1 GOL T . 33.14 -24.09 -14.14
O1 GOL T . 32.78 -24.04 -12.78
C2 GOL T . 31.93 -24.53 -14.97
O2 GOL T . 32.12 -24.09 -16.29
C3 GOL T . 31.82 -26.05 -14.96
O3 GOL T . 31.52 -26.49 -16.27
C ACT U . 5.51 2.79 -8.96
O ACT U . 6.69 3.22 -9.07
OXT ACT U . 4.58 3.39 -9.56
CH3 ACT U . 5.21 1.58 -8.13
C ACT V . 34.10 33.91 14.13
O ACT V . 34.88 34.76 14.60
OXT ACT V . 33.34 33.33 14.94
CH3 ACT V . 34.07 33.59 12.66
#